data_6FCZ
#
_entry.id   6FCZ
#
loop_
_entity.id
_entity.type
_entity.pdbx_description
1 polymer 'Complement C1q subcomponent subunit A'
2 polymer 'Complement C1q subcomponent subunit B'
3 polymer 'Complement C1q subcomponent subunit C'
4 polymer 'Immunoglobulin gamma-1 heavy chain'
5 water water
#
loop_
_entity_poly.entity_id
_entity_poly.type
_entity_poly.pdbx_seq_one_letter_code
_entity_poly.pdbx_strand_id
1 'polypeptide(L)'
;QPRPAFSAIRRNPPMGGNVVIFDTVITNQEEPYQNHSGRFVCTVPGYYYFTFQVLSQWEICLSIVSSSRGQVRRSLGFCD
TTNKGLFQVVSGGMVLQLQQGDQVWVEKDPKKGHIYQGSEADSVFSGFLIFPS
;
A
2 'polypeptide(L)'
;TQKIAFSATRTINVPLRRDQTIRFDHVITNMNNNYEPRSGKFTCKVPGLYYFTYHASSRGNLCVNLMRGRERAQKVVTFC
DYAYNTFQVTTGGMVLKLEQGENVFLQATDKNSLLGMEGANSIFSGFLLFPD
;
B
3 'polypeptide(L)'
;KFQSVFTVTRQTHQPPAPNSLIRFNAVLTNPQGDYDTSTGKFTCKVPGLYYFVYHASHTANLCVLLYRSGVKVVTFCGHT
SKTNQVNSGGVLLRLQVGEEVWLAVNDYYDMVGIQGSDSVFSGFLLFPD
;
C
4 'polypeptide(L)'
;PELLGGPSVFLFPPKPKDTLMISRTPEVTCVVVDVSHEDPEVKFNWYVDGVEVHNAKTKPREEQYNSTYRVVSVLTVLHQ
DWLNGKEYKCKVSNKALPAPIEKTISKAKGQPREPQVYTLPPSRDELTKNQVSLTCLVKGFYPSDIAVEWESNGQPENNY
KTTPPVLDSDGSFFLYSKLTVDKSRWQQGNVFSCSVMHEALHNHYTQKSLSLSPGK
;
H,K
#
# COMPACT_ATOMS: atom_id res chain seq x y z
N GLN A 1 36.89 -12.27 -22.68
CA GLN A 1 36.56 -12.84 -21.34
C GLN A 1 35.57 -14.01 -21.46
N PRO A 2 35.58 -14.92 -20.46
CA PRO A 2 34.69 -16.08 -20.45
C PRO A 2 33.23 -15.72 -20.29
N ARG A 3 32.39 -16.38 -21.07
CA ARG A 3 30.95 -16.17 -21.05
C ARG A 3 30.22 -17.52 -21.00
N PRO A 4 30.67 -18.44 -20.12
CA PRO A 4 30.02 -19.75 -20.04
C PRO A 4 28.63 -19.64 -19.44
N ALA A 5 27.64 -20.08 -20.22
CA ALA A 5 26.27 -20.02 -19.81
C ALA A 5 25.44 -20.91 -20.72
N PHE A 6 24.46 -21.57 -20.13
CA PHE A 6 23.61 -22.46 -20.89
C PHE A 6 22.23 -22.64 -20.30
N SER A 7 21.32 -23.13 -21.15
CA SER A 7 19.96 -23.49 -20.77
C SER A 7 19.61 -24.58 -21.76
N ALA A 8 19.09 -25.68 -21.25
CA ALA A 8 18.72 -26.80 -22.09
C ALA A 8 17.39 -27.31 -21.58
N ILE A 9 16.58 -27.83 -22.50
CA ILE A 9 15.28 -28.33 -22.13
C ILE A 9 15.09 -29.75 -22.61
N ARG A 10 13.93 -30.31 -22.28
CA ARG A 10 13.59 -31.67 -22.69
C ARG A 10 12.59 -31.66 -23.82
N ARG A 11 12.78 -32.56 -24.78
CA ARG A 11 11.88 -32.71 -25.91
C ARG A 11 11.94 -34.17 -26.34
N ASN A 12 13.11 -34.58 -26.83
CA ASN A 12 13.34 -35.96 -27.28
C ASN A 12 14.56 -36.51 -26.55
N PRO A 13 14.44 -36.72 -25.23
CA PRO A 13 15.56 -37.23 -24.43
C PRO A 13 15.72 -38.73 -24.43
N PRO A 14 16.99 -39.19 -24.48
CA PRO A 14 17.23 -40.63 -24.44
C PRO A 14 16.99 -41.04 -22.99
N MET A 15 16.10 -42.00 -22.78
CA MET A 15 15.80 -42.48 -21.43
C MET A 15 16.82 -43.53 -21.07
N GLY A 16 16.90 -43.79 -19.76
CA GLY A 16 17.84 -44.76 -19.25
C GLY A 16 18.81 -44.11 -18.29
N GLY A 17 18.98 -44.77 -17.15
CA GLY A 17 19.89 -44.26 -16.14
C GLY A 17 19.20 -43.20 -15.31
N ASN A 18 19.87 -42.79 -14.25
CA ASN A 18 19.34 -41.79 -13.35
C ASN A 18 19.78 -40.36 -13.69
N VAL A 19 20.65 -40.21 -14.68
CA VAL A 19 21.06 -38.87 -15.08
C VAL A 19 19.93 -38.32 -15.95
N VAL A 20 19.52 -37.08 -15.67
CA VAL A 20 18.45 -36.44 -16.41
C VAL A 20 19.08 -35.66 -17.56
N ILE A 21 18.78 -36.10 -18.78
CA ILE A 21 19.33 -35.46 -19.96
C ILE A 21 18.43 -34.44 -20.61
N PHE A 22 18.91 -33.20 -20.68
CA PHE A 22 18.18 -32.12 -21.31
C PHE A 22 18.81 -32.02 -22.72
N ASP A 23 18.18 -32.74 -23.65
CA ASP A 23 18.62 -32.85 -25.04
C ASP A 23 18.53 -31.65 -25.96
N THR A 24 17.63 -30.72 -25.66
CA THR A 24 17.45 -29.56 -26.53
C THR A 24 17.98 -28.28 -25.96
N VAL A 25 19.05 -27.84 -26.59
CA VAL A 25 19.75 -26.62 -26.22
C VAL A 25 19.07 -25.37 -26.71
N ILE A 26 18.89 -24.41 -25.80
CA ILE A 26 18.30 -23.11 -26.14
C ILE A 26 19.51 -22.18 -26.22
N THR A 27 20.42 -22.32 -25.25
CA THR A 27 21.62 -21.49 -25.18
C THR A 27 22.76 -22.33 -24.64
N ASN A 28 23.94 -22.09 -25.19
CA ASN A 28 25.12 -22.85 -24.81
C ASN A 28 26.39 -22.07 -25.19
N GLN A 29 26.57 -20.91 -24.58
CA GLN A 29 27.76 -20.10 -24.86
C GLN A 29 29.00 -20.81 -24.34
N GLU A 30 29.89 -21.13 -25.28
CA GLU A 30 31.17 -21.83 -25.08
C GLU A 30 30.98 -23.32 -24.91
N GLU A 31 29.80 -23.79 -25.34
CA GLU A 31 29.41 -25.19 -25.29
C GLU A 31 29.84 -26.01 -24.08
N PRO A 32 29.59 -25.49 -22.86
CA PRO A 32 29.96 -26.21 -21.63
C PRO A 32 29.10 -27.45 -21.46
N TYR A 33 27.82 -27.31 -21.85
CA TYR A 33 26.83 -28.37 -21.74
C TYR A 33 26.78 -29.34 -22.90
N GLN A 34 26.80 -30.65 -22.57
CA GLN A 34 26.75 -31.72 -23.56
C GLN A 34 25.31 -32.23 -23.62
N ASN A 35 24.60 -31.91 -24.70
CA ASN A 35 23.21 -32.32 -24.86
C ASN A 35 22.99 -33.81 -25.00
N HIS A 36 24.07 -34.54 -25.29
CA HIS A 36 24.00 -35.99 -25.44
C HIS A 36 24.09 -36.73 -24.10
N SER A 37 24.69 -36.11 -23.07
CA SER A 37 24.88 -36.73 -21.75
C SER A 37 24.22 -36.02 -20.54
N GLY A 38 23.78 -34.78 -20.75
CA GLY A 38 23.14 -34.00 -19.68
C GLY A 38 24.15 -33.41 -18.71
N ARG A 39 25.42 -33.45 -19.08
CA ARG A 39 26.47 -32.94 -18.23
C ARG A 39 27.12 -31.65 -18.70
N PHE A 40 27.35 -30.80 -17.72
CA PHE A 40 28.01 -29.52 -17.92
C PHE A 40 29.47 -29.84 -17.58
N VAL A 41 30.39 -29.21 -18.32
CA VAL A 41 31.81 -29.41 -18.11
C VAL A 41 32.44 -28.05 -17.88
N CYS A 42 33.10 -27.89 -16.75
CA CYS A 42 33.77 -26.65 -16.40
C CYS A 42 35.10 -26.49 -17.13
N THR A 43 35.26 -25.35 -17.80
CA THR A 43 36.50 -25.04 -18.51
C THR A 43 37.15 -23.97 -17.67
N VAL A 44 36.38 -22.92 -17.41
CA VAL A 44 36.81 -21.76 -16.60
C VAL A 44 36.55 -21.97 -15.12
N PRO A 45 37.62 -22.07 -14.31
CA PRO A 45 37.49 -22.26 -12.86
C PRO A 45 36.78 -21.05 -12.26
N GLY A 46 35.91 -21.30 -11.29
CA GLY A 46 35.20 -20.20 -10.65
C GLY A 46 33.89 -20.61 -10.01
N TYR A 47 33.12 -19.60 -9.62
CA TYR A 47 31.84 -19.81 -9.01
C TYR A 47 30.75 -19.72 -10.06
N TYR A 48 29.95 -20.78 -10.13
CA TYR A 48 28.84 -20.91 -11.08
C TYR A 48 27.52 -21.10 -10.33
N TYR A 49 26.42 -20.70 -10.97
CA TYR A 49 25.11 -20.92 -10.39
C TYR A 49 24.39 -21.91 -11.31
N PHE A 50 23.78 -22.93 -10.71
CA PHE A 50 23.02 -23.93 -11.46
C PHE A 50 21.62 -24.02 -10.89
N THR A 51 20.65 -24.23 -11.76
CA THR A 51 19.28 -24.31 -11.34
C THR A 51 18.43 -25.14 -12.32
N PHE A 52 17.37 -25.74 -11.79
CA PHE A 52 16.49 -26.54 -12.63
C PHE A 52 15.03 -26.30 -12.25
N GLN A 53 14.16 -26.49 -13.23
CA GLN A 53 12.71 -26.39 -13.03
C GLN A 53 12.22 -27.56 -13.89
N VAL A 54 11.86 -28.64 -13.21
CA VAL A 54 11.42 -29.85 -13.88
C VAL A 54 9.97 -30.20 -13.61
N LEU A 55 9.31 -30.64 -14.69
CA LEU A 55 7.92 -30.98 -14.67
C LEU A 55 7.63 -32.44 -14.38
N SER A 56 6.70 -32.65 -13.45
CA SER A 56 6.28 -33.99 -13.06
C SER A 56 4.77 -34.01 -12.78
N GLN A 57 4.18 -35.20 -12.87
CA GLN A 57 2.77 -35.35 -12.61
C GLN A 57 2.56 -36.27 -11.41
N TRP A 58 3.64 -36.91 -10.96
CA TRP A 58 3.51 -37.80 -9.81
C TRP A 58 4.46 -37.56 -8.68
N GLU A 59 5.58 -38.26 -8.73
CA GLU A 59 6.59 -38.21 -7.71
C GLU A 59 7.98 -38.04 -8.27
N ILE A 60 8.64 -36.98 -7.86
CA ILE A 60 9.98 -36.73 -8.35
C ILE A 60 10.89 -36.12 -7.30
N CYS A 61 12.13 -36.62 -7.29
CA CYS A 61 13.16 -36.13 -6.39
C CYS A 61 14.39 -35.98 -7.27
N LEU A 62 14.93 -34.77 -7.29
CA LEU A 62 16.09 -34.45 -8.11
C LEU A 62 17.22 -33.82 -7.32
N SER A 63 18.44 -34.04 -7.79
CA SER A 63 19.59 -33.48 -7.12
C SER A 63 20.62 -32.97 -8.15
N ILE A 64 21.27 -31.85 -7.83
CA ILE A 64 22.32 -31.34 -8.71
C ILE A 64 23.58 -32.00 -8.13
N VAL A 65 24.20 -32.83 -8.96
CA VAL A 65 25.40 -33.59 -8.63
C VAL A 65 26.57 -33.04 -9.43
N SER A 66 27.78 -33.22 -8.92
CA SER A 66 28.96 -32.80 -9.65
C SER A 66 30.02 -33.87 -9.52
N SER A 67 31.12 -33.73 -10.28
CA SER A 67 32.23 -34.67 -10.18
C SER A 67 33.52 -33.87 -10.31
N SER A 68 34.58 -34.34 -9.65
CA SER A 68 35.89 -33.69 -9.71
C SER A 68 36.89 -34.85 -9.66
N ARG A 69 37.78 -34.87 -10.66
CA ARG A 69 38.78 -35.93 -10.80
C ARG A 69 38.06 -37.26 -10.93
N GLY A 70 36.89 -37.26 -11.59
CA GLY A 70 36.12 -38.48 -11.78
C GLY A 70 35.35 -38.91 -10.53
N GLN A 71 35.60 -38.24 -9.40
CA GLN A 71 34.95 -38.54 -8.12
C GLN A 71 33.60 -37.82 -7.98
N VAL A 72 32.52 -38.60 -7.86
CA VAL A 72 31.17 -38.09 -7.73
C VAL A 72 30.89 -37.44 -6.36
N ARG A 73 30.30 -36.24 -6.39
CA ARG A 73 29.97 -35.50 -5.18
C ARG A 73 28.46 -35.26 -5.12
N ARG A 74 27.79 -36.07 -4.31
CA ARG A 74 26.35 -35.98 -4.13
C ARG A 74 26.07 -34.70 -3.34
N SER A 75 24.87 -34.13 -3.56
CA SER A 75 24.48 -32.90 -2.90
C SER A 75 23.02 -32.85 -2.49
N LEU A 76 22.50 -31.64 -2.38
CA LEU A 76 21.12 -31.41 -2.00
C LEU A 76 20.09 -32.03 -2.94
N GLY A 77 18.92 -32.32 -2.38
CA GLY A 77 17.84 -32.90 -3.15
C GLY A 77 16.64 -31.97 -3.08
N PHE A 78 15.74 -32.10 -4.05
CA PHE A 78 14.53 -31.30 -4.12
C PHE A 78 13.44 -32.18 -4.69
N CYS A 79 12.34 -32.28 -3.98
CA CYS A 79 11.24 -33.13 -4.40
C CYS A 79 9.86 -32.53 -4.43
N ASP A 80 9.00 -33.19 -5.19
CA ASP A 80 7.59 -32.85 -5.24
C ASP A 80 6.90 -34.23 -5.20
N THR A 81 6.17 -34.50 -4.12
CA THR A 81 5.49 -35.80 -3.98
C THR A 81 3.96 -35.70 -3.96
N THR A 82 3.41 -34.67 -4.61
CA THR A 82 1.97 -34.47 -4.68
C THR A 82 1.31 -35.77 -5.14
N ASN A 83 1.79 -36.33 -6.25
CA ASN A 83 1.29 -37.61 -6.73
C ASN A 83 -0.19 -37.64 -7.11
N LYS A 84 -0.67 -36.60 -7.77
CA LYS A 84 -2.08 -36.51 -8.15
C LYS A 84 -2.33 -36.56 -9.66
N GLY A 85 -1.27 -36.76 -10.43
CA GLY A 85 -1.39 -36.83 -11.89
C GLY A 85 -1.45 -35.48 -12.56
N LEU A 86 -1.22 -34.42 -11.78
CA LEU A 86 -1.25 -33.05 -12.31
C LEU A 86 0.12 -32.43 -12.34
N PHE A 87 0.31 -31.49 -13.26
CA PHE A 87 1.58 -30.80 -13.41
C PHE A 87 2.06 -30.17 -12.12
N GLN A 88 3.31 -30.43 -11.80
CA GLN A 88 3.96 -29.88 -10.63
C GLN A 88 5.39 -29.60 -11.04
N VAL A 89 5.85 -28.40 -10.72
CA VAL A 89 7.22 -28.04 -11.03
C VAL A 89 8.09 -28.13 -9.77
N VAL A 90 9.08 -29.02 -9.80
CA VAL A 90 10.00 -29.13 -8.68
C VAL A 90 11.17 -28.23 -9.14
N SER A 91 11.72 -27.46 -8.23
CA SER A 91 12.82 -26.57 -8.57
C SER A 91 13.94 -26.65 -7.54
N GLY A 92 15.13 -26.24 -7.96
CA GLY A 92 16.24 -26.28 -7.04
C GLY A 92 17.39 -25.55 -7.69
N GLY A 93 18.39 -25.20 -6.88
CA GLY A 93 19.53 -24.50 -7.42
C GLY A 93 20.55 -24.20 -6.35
N MET A 94 21.77 -23.92 -6.80
CA MET A 94 22.87 -23.61 -5.90
C MET A 94 24.09 -23.10 -6.60
N VAL A 95 24.96 -22.46 -5.84
CA VAL A 95 26.21 -21.97 -6.36
C VAL A 95 27.19 -23.12 -6.11
N LEU A 96 28.03 -23.38 -7.09
CA LEU A 96 29.07 -24.40 -6.98
C LEU A 96 30.40 -23.81 -7.40
N GLN A 97 31.44 -24.03 -6.60
CA GLN A 97 32.78 -23.57 -6.97
C GLN A 97 33.33 -24.77 -7.76
N LEU A 98 33.67 -24.53 -9.03
CA LEU A 98 34.19 -25.60 -9.87
C LEU A 98 35.63 -25.40 -10.31
N GLN A 99 36.32 -26.52 -10.51
CA GLN A 99 37.69 -26.50 -10.99
C GLN A 99 37.59 -26.99 -12.43
N GLN A 100 38.64 -26.73 -13.19
CA GLN A 100 38.75 -27.17 -14.59
C GLN A 100 38.51 -28.68 -14.66
N GLY A 101 37.61 -29.10 -15.53
CA GLY A 101 37.34 -30.53 -15.67
C GLY A 101 36.17 -31.05 -14.87
N ASP A 102 35.70 -30.28 -13.88
CA ASP A 102 34.57 -30.73 -13.07
C ASP A 102 33.33 -30.83 -13.95
N GLN A 103 32.43 -31.74 -13.59
CA GLN A 103 31.21 -31.91 -14.33
C GLN A 103 30.02 -31.76 -13.38
N VAL A 104 28.94 -31.20 -13.92
CA VAL A 104 27.71 -30.95 -13.16
C VAL A 104 26.52 -31.50 -13.94
N TRP A 105 25.57 -32.11 -13.24
CA TRP A 105 24.39 -32.64 -13.90
C TRP A 105 23.28 -32.88 -12.91
N VAL A 106 22.08 -33.11 -13.43
CA VAL A 106 20.91 -33.37 -12.59
C VAL A 106 20.65 -34.87 -12.60
N GLU A 107 20.42 -35.43 -11.41
CA GLU A 107 20.14 -36.84 -11.26
C GLU A 107 18.80 -37.05 -10.58
N LYS A 108 18.10 -38.10 -10.99
CA LYS A 108 16.82 -38.41 -10.38
C LYS A 108 16.93 -39.59 -9.44
N ASP A 109 16.01 -39.63 -8.49
CA ASP A 109 15.94 -40.72 -7.53
C ASP A 109 15.27 -41.84 -8.35
N PRO A 110 15.85 -43.05 -8.37
CA PRO A 110 15.26 -44.16 -9.14
C PRO A 110 13.85 -44.55 -8.68
N LYS A 111 13.56 -44.35 -7.39
CA LYS A 111 12.26 -44.69 -6.83
C LYS A 111 11.23 -43.56 -6.97
N LYS A 112 11.70 -42.36 -7.32
CA LYS A 112 10.83 -41.21 -7.52
C LYS A 112 11.44 -40.39 -8.65
N GLY A 113 11.29 -40.89 -9.88
CA GLY A 113 11.86 -40.19 -11.01
C GLY A 113 10.96 -39.84 -12.18
N HIS A 114 9.68 -39.63 -11.91
CA HIS A 114 8.78 -39.29 -13.01
C HIS A 114 8.93 -37.88 -13.55
N ILE A 115 9.31 -37.79 -14.81
CA ILE A 115 9.46 -36.52 -15.50
C ILE A 115 8.56 -36.51 -16.72
N TYR A 116 7.75 -35.46 -16.82
CA TYR A 116 6.83 -35.30 -17.93
C TYR A 116 7.52 -35.39 -19.29
N GLN A 117 6.90 -36.15 -20.18
CA GLN A 117 7.38 -36.32 -21.56
C GLN A 117 6.23 -35.88 -22.46
N GLY A 118 6.43 -34.75 -23.15
CA GLY A 118 5.40 -34.24 -24.03
C GLY A 118 5.64 -32.82 -24.55
N SER A 119 4.63 -32.29 -25.25
CA SER A 119 4.70 -30.96 -25.84
C SER A 119 3.88 -29.88 -25.13
N GLU A 120 3.15 -30.25 -24.09
CA GLU A 120 2.33 -29.29 -23.35
C GLU A 120 3.15 -28.28 -22.56
N ALA A 121 4.22 -28.76 -21.92
CA ALA A 121 5.08 -27.89 -21.13
C ALA A 121 6.51 -28.39 -21.08
N ASP A 122 7.39 -27.56 -20.53
CA ASP A 122 8.83 -27.83 -20.48
C ASP A 122 9.54 -27.89 -19.13
N SER A 123 10.67 -28.62 -19.15
CA SER A 123 11.57 -28.75 -18.00
C SER A 123 12.89 -28.15 -18.49
N VAL A 124 13.55 -27.40 -17.62
CA VAL A 124 14.78 -26.70 -17.97
C VAL A 124 15.92 -26.93 -16.97
N PHE A 125 17.14 -26.90 -17.50
CA PHE A 125 18.37 -27.02 -16.71
C PHE A 125 19.22 -25.85 -17.21
N SER A 126 19.64 -24.99 -16.27
CA SER A 126 20.42 -23.79 -16.58
C SER A 126 21.65 -23.63 -15.72
N GLY A 127 22.63 -22.90 -16.24
CA GLY A 127 23.83 -22.68 -15.48
C GLY A 127 24.65 -21.56 -16.09
N PHE A 128 25.39 -20.85 -15.25
CA PHE A 128 26.24 -19.78 -15.74
C PHE A 128 27.31 -19.41 -14.74
N LEU A 129 28.39 -18.86 -15.26
CA LEU A 129 29.50 -18.42 -14.44
C LEU A 129 29.08 -17.13 -13.73
N ILE A 130 29.45 -17.02 -12.45
CA ILE A 130 29.15 -15.85 -11.63
C ILE A 130 30.45 -15.01 -11.65
N PHE A 131 31.57 -15.67 -11.40
CA PHE A 131 32.90 -15.04 -11.48
C PHE A 131 34.02 -16.09 -11.45
N PRO A 132 35.07 -15.87 -12.26
CA PRO A 132 36.21 -16.80 -12.33
C PRO A 132 37.11 -16.75 -11.11
N SER A 133 37.86 -17.81 -10.88
CA SER A 133 38.74 -17.86 -9.70
C SER A 133 40.09 -17.17 -9.83
N THR B 1 31.01 0.04 -19.04
CA THR B 1 30.52 -0.78 -17.88
C THR B 1 28.99 -0.78 -17.90
N GLN B 2 28.43 -1.88 -18.41
CA GLN B 2 26.98 -2.06 -18.57
C GLN B 2 26.19 -2.87 -17.53
N LYS B 3 25.75 -2.18 -16.48
CA LYS B 3 25.01 -2.78 -15.38
C LYS B 3 23.50 -2.80 -15.68
N ILE B 4 23.00 -3.93 -16.18
CA ILE B 4 21.60 -4.08 -16.54
C ILE B 4 20.85 -5.15 -15.74
N ALA B 5 19.82 -4.73 -15.03
CA ALA B 5 19.02 -5.66 -14.23
C ALA B 5 17.65 -5.11 -13.92
N PHE B 6 16.67 -6.01 -13.83
CA PHE B 6 15.32 -5.59 -13.48
C PHE B 6 14.58 -6.68 -12.70
N SER B 7 13.75 -6.23 -11.77
CA SER B 7 12.88 -7.09 -10.97
C SER B 7 11.57 -6.33 -10.82
N ALA B 8 10.48 -6.90 -11.33
CA ALA B 8 9.19 -6.24 -11.24
C ALA B 8 8.09 -7.22 -10.81
N THR B 9 7.20 -6.76 -9.94
CA THR B 9 6.09 -7.59 -9.47
C THR B 9 4.77 -7.09 -10.05
N ARG B 10 3.78 -7.99 -10.08
CA ARG B 10 2.45 -7.65 -10.57
C ARG B 10 1.56 -7.31 -9.36
N THR B 11 0.96 -6.11 -9.39
CA THR B 11 0.08 -5.67 -8.31
C THR B 11 -1.30 -5.31 -8.87
N ILE B 12 -1.41 -5.19 -10.19
CA ILE B 12 -2.67 -4.87 -10.84
C ILE B 12 -3.67 -5.99 -10.57
N ASN B 13 -4.83 -5.62 -10.06
CA ASN B 13 -5.88 -6.58 -9.73
C ASN B 13 -6.87 -6.74 -10.87
N VAL B 14 -6.46 -7.51 -11.87
CA VAL B 14 -7.27 -7.78 -13.05
C VAL B 14 -6.86 -9.15 -13.60
N PRO B 15 -7.83 -9.96 -14.03
CA PRO B 15 -7.46 -11.28 -14.57
C PRO B 15 -6.62 -11.21 -15.83
N LEU B 16 -5.99 -12.34 -16.15
CA LEU B 16 -5.16 -12.47 -17.33
C LEU B 16 -5.95 -13.15 -18.43
N ARG B 17 -5.89 -12.60 -19.62
CA ARG B 17 -6.58 -13.16 -20.78
C ARG B 17 -5.59 -14.03 -21.55
N ARG B 18 -6.10 -14.96 -22.35
CA ARG B 18 -5.25 -15.86 -23.13
C ARG B 18 -4.41 -15.04 -24.14
N ASP B 19 -3.12 -15.39 -24.22
CA ASP B 19 -2.14 -14.75 -25.10
C ASP B 19 -1.80 -13.31 -24.73
N GLN B 20 -2.24 -12.91 -23.54
CA GLN B 20 -1.97 -11.55 -23.06
C GLN B 20 -0.58 -11.41 -22.47
N THR B 21 0.10 -10.34 -22.84
CA THR B 21 1.45 -10.08 -22.33
C THR B 21 1.43 -9.68 -20.87
N ILE B 22 2.07 -10.50 -20.02
CA ILE B 22 2.13 -10.23 -18.59
C ILE B 22 2.70 -8.83 -18.33
N ARG B 23 2.03 -8.09 -17.46
CA ARG B 23 2.47 -6.75 -17.11
C ARG B 23 2.81 -6.62 -15.63
N PHE B 24 4.10 -6.70 -15.31
CA PHE B 24 4.56 -6.58 -13.93
C PHE B 24 4.78 -5.08 -13.75
N ASP B 25 3.71 -4.40 -13.35
CA ASP B 25 3.66 -2.96 -13.14
C ASP B 25 4.50 -2.35 -12.04
N HIS B 26 4.81 -3.14 -11.01
CA HIS B 26 5.60 -2.63 -9.91
C HIS B 26 7.08 -2.97 -10.00
N VAL B 27 7.90 -1.96 -10.22
CA VAL B 27 9.34 -2.18 -10.32
C VAL B 27 10.07 -2.03 -9.00
N ILE B 28 10.88 -3.03 -8.67
CA ILE B 28 11.67 -3.02 -7.46
C ILE B 28 13.06 -2.52 -7.90
N THR B 29 13.50 -3.03 -9.04
CA THR B 29 14.80 -2.69 -9.65
C THR B 29 14.65 -2.56 -11.17
N ASN B 30 15.38 -1.60 -11.75
CA ASN B 30 15.35 -1.40 -13.19
C ASN B 30 16.59 -0.64 -13.69
N MET B 31 17.77 -1.19 -13.39
CA MET B 31 19.04 -0.60 -13.80
C MET B 31 19.16 -0.60 -15.33
N ASN B 32 19.45 0.59 -15.86
CA ASN B 32 19.58 0.88 -17.30
C ASN B 32 18.20 1.00 -17.94
N ASN B 33 17.16 1.00 -17.10
CA ASN B 33 15.77 1.13 -17.53
C ASN B 33 15.45 0.51 -18.90
N ASN B 34 15.82 -0.76 -19.05
CA ASN B 34 15.57 -1.51 -20.28
C ASN B 34 14.29 -2.31 -20.16
N TYR B 35 13.72 -2.32 -18.96
CA TYR B 35 12.45 -3.00 -18.72
C TYR B 35 11.36 -1.92 -18.61
N GLU B 36 10.22 -2.16 -19.24
CA GLU B 36 9.11 -1.23 -19.20
C GLU B 36 8.11 -1.57 -18.10
N PRO B 37 8.21 -0.88 -16.96
CA PRO B 37 7.32 -1.11 -15.81
C PRO B 37 5.86 -1.06 -16.21
N ARG B 38 5.48 -0.04 -16.98
CA ARG B 38 4.10 0.11 -17.42
C ARG B 38 3.58 -1.15 -18.10
N SER B 39 4.34 -1.64 -19.08
CA SER B 39 3.96 -2.84 -19.81
C SER B 39 4.36 -4.09 -19.05
N GLY B 40 5.41 -4.76 -19.52
CA GLY B 40 5.90 -5.97 -18.89
C GLY B 40 6.94 -6.63 -19.79
N LYS B 41 7.51 -5.86 -20.71
CA LYS B 41 8.51 -6.37 -21.65
C LYS B 41 9.89 -5.82 -21.41
N PHE B 42 10.88 -6.66 -21.64
CA PHE B 42 12.26 -6.25 -21.52
C PHE B 42 12.70 -6.06 -22.98
N THR B 43 13.43 -4.98 -23.25
CA THR B 43 13.93 -4.73 -24.61
C THR B 43 15.43 -4.54 -24.56
N CYS B 44 16.12 -5.41 -25.29
CA CYS B 44 17.56 -5.39 -25.33
C CYS B 44 18.16 -4.16 -26.03
N LYS B 45 19.00 -3.45 -25.29
CA LYS B 45 19.72 -2.27 -25.80
C LYS B 45 21.13 -2.81 -26.13
N VAL B 46 21.74 -3.41 -25.11
CA VAL B 46 23.07 -4.00 -25.16
C VAL B 46 22.93 -5.48 -25.47
N PRO B 47 23.39 -5.92 -26.66
CA PRO B 47 23.29 -7.34 -27.01
C PRO B 47 24.19 -8.20 -26.15
N GLY B 48 23.78 -9.43 -25.91
CA GLY B 48 24.58 -10.33 -25.08
C GLY B 48 23.79 -11.47 -24.44
N LEU B 49 24.37 -12.05 -23.39
CA LEU B 49 23.74 -13.15 -22.67
C LEU B 49 23.00 -12.66 -21.43
N TYR B 50 21.74 -13.08 -21.32
CA TYR B 50 20.90 -12.70 -20.20
C TYR B 50 20.24 -13.89 -19.51
N TYR B 51 19.92 -13.73 -18.24
CA TYR B 51 19.19 -14.77 -17.54
C TYR B 51 17.86 -14.14 -17.13
N PHE B 52 16.77 -14.84 -17.43
CA PHE B 52 15.43 -14.40 -17.13
C PHE B 52 14.75 -15.40 -16.20
N THR B 53 13.99 -14.88 -15.25
CA THR B 53 13.34 -15.74 -14.27
C THR B 53 12.06 -15.14 -13.67
N TYR B 54 11.21 -16.00 -13.15
CA TYR B 54 10.00 -15.52 -12.52
C TYR B 54 9.51 -16.50 -11.46
N HIS B 55 8.71 -15.96 -10.55
CA HIS B 55 8.10 -16.76 -9.49
C HIS B 55 6.66 -16.26 -9.48
N ALA B 56 5.73 -17.15 -9.80
CA ALA B 56 4.33 -16.76 -9.85
C ALA B 56 3.47 -17.44 -8.80
N SER B 57 2.79 -16.64 -7.97
CA SER B 57 1.89 -17.19 -6.96
C SER B 57 0.63 -17.49 -7.76
N SER B 58 -0.13 -18.48 -7.33
CA SER B 58 -1.34 -18.86 -8.05
C SER B 58 -2.29 -19.63 -7.15
N ARG B 59 -3.57 -19.60 -7.52
CA ARG B 59 -4.64 -20.24 -6.77
C ARG B 59 -5.26 -21.38 -7.60
N GLY B 60 -4.69 -21.63 -8.77
CA GLY B 60 -5.20 -22.70 -9.62
C GLY B 60 -4.20 -23.12 -10.67
N ASN B 61 -4.69 -23.63 -11.80
CA ASN B 61 -3.80 -24.07 -12.89
C ASN B 61 -3.22 -22.86 -13.59
N LEU B 62 -1.91 -22.91 -13.83
CA LEU B 62 -1.21 -21.81 -14.48
C LEU B 62 -0.17 -22.25 -15.50
N CYS B 63 -0.25 -21.68 -16.70
CA CYS B 63 0.74 -21.92 -17.75
C CYS B 63 1.17 -20.57 -18.29
N VAL B 64 2.47 -20.43 -18.51
CA VAL B 64 3.07 -19.19 -19.02
C VAL B 64 4.06 -19.48 -20.15
N ASN B 65 4.03 -18.66 -21.19
CA ASN B 65 4.96 -18.84 -22.30
C ASN B 65 6.04 -17.78 -22.19
N LEU B 66 7.30 -18.20 -22.30
CA LEU B 66 8.39 -17.25 -22.26
C LEU B 66 8.53 -16.87 -23.75
N MET B 67 8.53 -15.57 -24.01
CA MET B 67 8.61 -15.06 -25.38
C MET B 67 9.87 -14.28 -25.68
N ARG B 68 10.28 -14.34 -26.95
CA ARG B 68 11.46 -13.64 -27.45
C ARG B 68 11.18 -13.20 -28.89
N GLY B 69 11.81 -12.12 -29.31
CA GLY B 69 11.62 -11.63 -30.67
C GLY B 69 11.79 -10.13 -30.83
N ARG B 70 11.68 -9.64 -32.07
CA ARG B 70 11.80 -8.22 -32.38
C ARG B 70 10.43 -7.55 -32.61
N GLU B 71 9.97 -7.56 -33.88
CA GLU B 71 8.68 -6.98 -34.25
C GLU B 71 7.67 -8.14 -34.21
N ARG B 72 8.19 -9.35 -34.25
CA ARG B 72 7.36 -10.54 -34.18
C ARG B 72 7.97 -11.41 -33.07
N ALA B 73 7.18 -11.67 -32.05
CA ALA B 73 7.64 -12.49 -30.94
C ALA B 73 7.37 -13.97 -31.18
N GLN B 74 8.21 -14.80 -30.58
CA GLN B 74 8.11 -16.25 -30.68
C GLN B 74 8.28 -16.84 -29.29
N LYS B 75 7.84 -18.08 -29.10
CA LYS B 75 7.95 -18.68 -27.78
C LYS B 75 9.14 -19.62 -27.63
N VAL B 76 9.91 -19.37 -26.58
CA VAL B 76 11.09 -20.17 -26.27
C VAL B 76 10.56 -21.45 -25.61
N VAL B 77 9.87 -21.29 -24.49
CA VAL B 77 9.29 -22.43 -23.80
C VAL B 77 7.95 -22.09 -23.16
N THR B 78 7.34 -23.12 -22.60
CA THR B 78 6.06 -22.98 -21.91
C THR B 78 6.23 -23.65 -20.53
N PHE B 79 5.90 -22.93 -19.48
CA PHE B 79 5.98 -23.47 -18.11
C PHE B 79 4.57 -23.66 -17.56
N CYS B 80 4.23 -24.89 -17.18
CA CYS B 80 2.92 -25.16 -16.61
C CYS B 80 3.05 -25.73 -15.20
N ASP B 81 2.13 -25.35 -14.32
CA ASP B 81 2.12 -25.84 -12.95
C ASP B 81 0.69 -25.78 -12.47
N TYR B 82 0.17 -26.95 -12.13
CA TYR B 82 -1.21 -27.06 -11.69
C TYR B 82 -1.43 -27.10 -10.21
N ALA B 83 -2.61 -26.63 -9.82
CA ALA B 83 -3.03 -26.59 -8.44
C ALA B 83 -4.53 -26.83 -8.40
N TYR B 84 -4.92 -27.81 -7.60
CA TYR B 84 -6.33 -28.17 -7.43
C TYR B 84 -6.77 -27.72 -6.03
N ASN B 85 -7.66 -26.74 -6.00
CA ASN B 85 -8.20 -26.20 -4.75
C ASN B 85 -7.14 -25.91 -3.69
N THR B 86 -6.11 -25.18 -4.10
CA THR B 86 -5.02 -24.83 -3.20
C THR B 86 -4.16 -23.69 -3.78
N PHE B 87 -3.24 -23.18 -2.96
CA PHE B 87 -2.35 -22.11 -3.39
C PHE B 87 -0.96 -22.64 -3.67
N GLN B 88 -0.31 -22.01 -4.66
CA GLN B 88 1.02 -22.44 -5.06
C GLN B 88 1.91 -21.28 -5.50
N VAL B 89 3.21 -21.57 -5.56
CA VAL B 89 4.16 -20.62 -6.09
C VAL B 89 4.98 -21.47 -7.05
N THR B 90 5.05 -21.03 -8.30
CA THR B 90 5.79 -21.76 -9.29
C THR B 90 6.90 -20.91 -9.88
N THR B 91 7.81 -21.56 -10.59
CA THR B 91 8.91 -20.81 -11.15
C THR B 91 9.39 -21.35 -12.49
N GLY B 92 10.07 -20.48 -13.21
CA GLY B 92 10.62 -20.81 -14.52
C GLY B 92 11.80 -19.89 -14.72
N GLY B 93 12.72 -20.30 -15.60
CA GLY B 93 13.90 -19.50 -15.88
C GLY B 93 14.56 -19.92 -17.18
N MET B 94 15.32 -18.99 -17.77
CA MET B 94 15.98 -19.27 -19.03
C MET B 94 17.14 -18.34 -19.32
N VAL B 95 18.20 -18.90 -19.89
CA VAL B 95 19.37 -18.14 -20.30
C VAL B 95 19.11 -17.95 -21.81
N LEU B 96 19.17 -16.70 -22.26
CA LEU B 96 18.94 -16.37 -23.66
C LEU B 96 20.01 -15.42 -24.20
N LYS B 97 20.46 -15.70 -25.42
CA LYS B 97 21.43 -14.81 -26.06
C LYS B 97 20.54 -13.80 -26.79
N LEU B 98 20.73 -12.54 -26.45
CA LEU B 98 19.93 -11.45 -27.01
C LEU B 98 20.66 -10.51 -27.95
N GLU B 99 19.94 -10.12 -29.01
CA GLU B 99 20.44 -9.17 -30.01
C GLU B 99 19.77 -7.83 -29.70
N GLN B 100 20.42 -6.73 -30.10
CA GLN B 100 19.85 -5.42 -29.86
C GLN B 100 18.45 -5.34 -30.47
N GLY B 101 17.53 -4.71 -29.75
CA GLY B 101 16.17 -4.57 -30.25
C GLY B 101 15.20 -5.71 -29.95
N GLU B 102 15.71 -6.87 -29.54
CA GLU B 102 14.83 -8.00 -29.23
C GLU B 102 14.19 -7.75 -27.87
N ASN B 103 12.96 -8.22 -27.70
CA ASN B 103 12.30 -8.09 -26.42
C ASN B 103 11.87 -9.43 -25.85
N VAL B 104 11.99 -9.54 -24.54
CA VAL B 104 11.62 -10.75 -23.81
C VAL B 104 10.51 -10.40 -22.83
N PHE B 105 9.52 -11.28 -22.76
CA PHE B 105 8.40 -11.09 -21.86
C PHE B 105 7.61 -12.38 -21.67
N LEU B 106 6.73 -12.37 -20.66
CA LEU B 106 5.90 -13.52 -20.36
C LEU B 106 4.49 -13.25 -20.90
N GLN B 107 3.90 -14.30 -21.47
CA GLN B 107 2.58 -14.25 -22.07
C GLN B 107 1.66 -15.27 -21.42
N ALA B 108 0.47 -14.82 -21.02
CA ALA B 108 -0.52 -15.67 -20.38
C ALA B 108 -1.11 -16.66 -21.37
N THR B 109 -1.71 -17.72 -20.82
CA THR B 109 -2.33 -18.76 -21.63
C THR B 109 -3.77 -18.96 -21.18
N ASP B 110 -4.32 -20.11 -21.56
CA ASP B 110 -5.66 -20.54 -21.22
C ASP B 110 -5.73 -20.79 -19.70
N LYS B 111 -4.60 -21.16 -19.09
CA LYS B 111 -4.50 -21.38 -17.64
C LYS B 111 -3.89 -20.07 -17.13
N ASN B 112 -4.74 -19.21 -16.60
CA ASN B 112 -4.34 -17.89 -16.14
C ASN B 112 -4.45 -17.60 -14.65
N SER B 113 -4.51 -18.64 -13.84
CA SER B 113 -4.59 -18.43 -12.40
C SER B 113 -3.26 -17.87 -11.90
N LEU B 114 -3.19 -16.54 -11.77
CA LEU B 114 -1.99 -15.88 -11.28
C LEU B 114 -2.40 -14.79 -10.29
N LEU B 115 -1.79 -14.83 -9.10
CA LEU B 115 -2.06 -13.85 -8.05
C LEU B 115 -0.96 -12.81 -7.97
N GLY B 116 -1.35 -11.55 -7.82
CA GLY B 116 -0.40 -10.46 -7.73
C GLY B 116 -0.84 -9.57 -6.58
N MET B 117 -0.29 -9.83 -5.40
CA MET B 117 -0.68 -9.07 -4.22
C MET B 117 0.30 -9.14 -3.06
N GLU B 118 0.04 -8.27 -2.08
CA GLU B 118 0.82 -8.20 -0.86
C GLU B 118 0.63 -9.54 -0.16
N GLY B 119 1.73 -10.21 0.16
CA GLY B 119 1.67 -11.49 0.85
C GLY B 119 1.50 -12.72 -0.04
N ALA B 120 1.54 -12.50 -1.34
CA ALA B 120 1.39 -13.57 -2.34
C ALA B 120 1.80 -12.92 -3.66
N ASN B 121 3.10 -12.74 -3.82
CA ASN B 121 3.66 -12.08 -4.99
C ASN B 121 3.87 -12.89 -6.26
N SER B 122 4.02 -12.14 -7.36
CA SER B 122 4.32 -12.69 -8.67
C SER B 122 5.39 -11.72 -9.19
N ILE B 123 6.59 -12.23 -9.41
CA ILE B 123 7.72 -11.41 -9.84
C ILE B 123 8.40 -11.88 -11.13
N PHE B 124 8.91 -10.92 -11.89
CA PHE B 124 9.60 -11.22 -13.14
C PHE B 124 10.91 -10.44 -13.09
N SER B 125 12.01 -11.15 -13.35
CA SER B 125 13.32 -10.55 -13.30
C SER B 125 14.21 -10.94 -14.47
N GLY B 126 15.25 -10.13 -14.68
CA GLY B 126 16.18 -10.40 -15.73
C GLY B 126 17.46 -9.63 -15.51
N PHE B 127 18.58 -10.21 -15.91
CA PHE B 127 19.85 -9.51 -15.77
C PHE B 127 20.83 -9.94 -16.84
N LEU B 128 21.74 -9.03 -17.13
CA LEU B 128 22.78 -9.29 -18.12
C LEU B 128 23.87 -10.14 -17.47
N LEU B 129 24.26 -11.22 -18.15
CA LEU B 129 25.32 -12.11 -17.68
C LEU B 129 26.65 -11.62 -18.26
N PHE B 130 26.73 -11.58 -19.60
CA PHE B 130 27.94 -11.13 -20.32
C PHE B 130 27.56 -10.36 -21.60
N PRO B 131 28.14 -9.17 -21.79
CA PRO B 131 27.86 -8.33 -22.98
C PRO B 131 28.48 -8.92 -24.25
N ASP B 132 27.76 -8.85 -25.37
CA ASP B 132 28.27 -9.33 -26.67
C ASP B 132 29.40 -8.37 -27.15
N LYS C 1 36.95 -10.53 -0.21
CA LYS C 1 37.13 -10.25 -1.67
C LYS C 1 36.34 -9.04 -2.15
N PHE C 2 36.45 -8.83 -3.46
CA PHE C 2 35.77 -7.76 -4.18
C PHE C 2 34.55 -8.37 -4.88
N GLN C 3 34.22 -9.60 -4.49
CA GLN C 3 33.04 -10.29 -5.00
C GLN C 3 32.22 -10.71 -3.77
N SER C 4 31.06 -11.30 -4.02
CA SER C 4 30.18 -11.78 -2.95
C SER C 4 29.28 -12.90 -3.44
N VAL C 5 29.39 -14.04 -2.78
CA VAL C 5 28.58 -15.20 -3.16
C VAL C 5 28.35 -16.15 -1.99
N PHE C 6 27.17 -16.77 -1.97
CA PHE C 6 26.85 -17.75 -0.94
C PHE C 6 25.70 -18.65 -1.32
N THR C 7 25.77 -19.84 -0.72
CA THR C 7 24.72 -20.83 -0.84
C THR C 7 24.73 -21.48 0.53
N VAL C 8 23.64 -21.27 1.28
CA VAL C 8 23.51 -21.87 2.60
C VAL C 8 22.27 -22.75 2.61
N THR C 9 22.23 -23.67 3.55
CA THR C 9 21.14 -24.60 3.65
C THR C 9 20.72 -24.75 5.10
N ARG C 10 19.50 -25.23 5.26
CA ARG C 10 18.94 -25.40 6.57
C ARG C 10 18.99 -26.87 6.91
N GLN C 11 19.87 -27.22 7.84
CA GLN C 11 19.98 -28.62 8.21
C GLN C 11 19.51 -28.90 9.63
N THR C 12 18.22 -29.15 9.70
CA THR C 12 17.55 -29.46 10.94
C THR C 12 16.14 -29.93 10.59
N HIS C 13 15.62 -30.83 11.41
CA HIS C 13 14.30 -31.42 11.20
C HIS C 13 13.17 -30.55 11.76
N GLN C 14 13.52 -29.66 12.69
CA GLN C 14 12.56 -28.77 13.30
C GLN C 14 12.40 -27.54 12.39
N PRO C 15 11.14 -27.14 12.12
CA PRO C 15 10.92 -25.97 11.27
C PRO C 15 11.20 -24.70 12.04
N PRO C 16 11.17 -23.55 11.35
CA PRO C 16 11.43 -22.28 12.04
C PRO C 16 10.26 -21.97 12.96
N ALA C 17 10.45 -21.02 13.86
CA ALA C 17 9.39 -20.60 14.76
C ALA C 17 8.51 -19.69 13.88
N PRO C 18 7.21 -19.67 14.15
CA PRO C 18 6.29 -18.83 13.37
C PRO C 18 6.71 -17.37 13.46
N ASN C 19 6.43 -16.61 12.41
CA ASN C 19 6.75 -15.19 12.40
C ASN C 19 8.15 -14.89 12.91
N SER C 20 9.12 -15.59 12.36
CA SER C 20 10.51 -15.38 12.75
C SER C 20 11.42 -15.46 11.53
N LEU C 21 12.67 -15.09 11.77
CA LEU C 21 13.68 -15.12 10.73
C LEU C 21 14.10 -16.57 10.46
N ILE C 22 14.24 -16.94 9.19
CA ILE C 22 14.66 -18.30 8.82
C ILE C 22 16.17 -18.41 8.87
N ARG C 23 16.65 -19.23 9.80
CA ARG C 23 18.08 -19.45 9.95
C ARG C 23 18.60 -20.61 9.08
N PHE C 24 19.65 -20.35 8.30
CA PHE C 24 20.28 -21.38 7.49
C PHE C 24 21.61 -21.62 8.21
N ASN C 25 21.69 -22.76 8.90
CA ASN C 25 22.88 -23.09 9.70
C ASN C 25 24.09 -23.72 9.04
N ALA C 26 23.87 -24.31 7.87
CA ALA C 26 24.93 -24.99 7.15
C ALA C 26 25.33 -24.26 5.89
N VAL C 27 26.62 -24.30 5.60
CA VAL C 27 27.19 -23.63 4.45
C VAL C 27 27.68 -24.58 3.36
N LEU C 28 27.34 -24.27 2.11
CA LEU C 28 27.80 -25.05 0.97
C LEU C 28 28.94 -24.22 0.39
N THR C 29 28.72 -22.90 0.30
CA THR C 29 29.77 -21.96 -0.14
C THR C 29 29.48 -20.59 0.51
N ASN C 30 30.52 -19.92 1.01
CA ASN C 30 30.36 -18.63 1.68
C ASN C 30 31.77 -18.09 1.93
N PRO C 31 32.54 -17.90 0.85
CA PRO C 31 33.92 -17.41 0.94
C PRO C 31 34.22 -16.07 1.61
N GLN C 32 33.33 -15.09 1.47
CA GLN C 32 33.54 -13.79 2.09
C GLN C 32 32.94 -13.69 3.49
N GLY C 33 32.16 -14.70 3.87
CA GLY C 33 31.54 -14.71 5.18
C GLY C 33 30.40 -13.71 5.26
N ASP C 34 29.86 -13.39 4.07
CA ASP C 34 28.77 -12.43 3.93
C ASP C 34 27.46 -12.87 4.58
N TYR C 35 27.21 -14.18 4.54
CA TYR C 35 26.03 -14.72 5.20
C TYR C 35 26.55 -15.20 6.56
N ASP C 36 25.89 -14.77 7.63
CA ASP C 36 26.28 -15.11 8.99
C ASP C 36 25.32 -16.15 9.54
N THR C 37 25.80 -17.37 9.74
CA THR C 37 24.97 -18.44 10.26
C THR C 37 24.60 -18.27 11.72
N SER C 38 25.27 -17.36 12.42
CA SER C 38 24.97 -17.14 13.83
C SER C 38 23.73 -16.27 14.04
N THR C 39 23.45 -15.42 13.05
CA THR C 39 22.30 -14.53 13.10
C THR C 39 21.27 -14.87 12.00
N GLY C 40 21.71 -15.63 10.99
CA GLY C 40 20.84 -15.99 9.90
C GLY C 40 20.66 -14.83 8.93
N LYS C 41 21.61 -13.91 8.96
CA LYS C 41 21.55 -12.72 8.11
C LYS C 41 22.73 -12.53 7.19
N PHE C 42 22.44 -11.99 6.02
CA PHE C 42 23.45 -11.66 5.06
C PHE C 42 23.69 -10.16 5.34
N THR C 43 24.94 -9.73 5.33
CA THR C 43 25.25 -8.31 5.51
C THR C 43 26.17 -7.90 4.37
N CYS C 44 25.78 -6.86 3.66
CA CYS C 44 26.55 -6.35 2.54
C CYS C 44 27.91 -5.76 2.92
N LYS C 45 28.94 -6.25 2.24
CA LYS C 45 30.32 -5.80 2.42
C LYS C 45 30.64 -4.98 1.14
N VAL C 46 30.36 -5.60 0.00
CA VAL C 46 30.60 -4.99 -1.30
C VAL C 46 29.31 -4.47 -1.92
N PRO C 47 29.20 -3.14 -2.07
CA PRO C 47 27.99 -2.56 -2.65
C PRO C 47 27.79 -2.98 -4.10
N GLY C 48 26.54 -2.96 -4.54
CA GLY C 48 26.24 -3.33 -5.91
C GLY C 48 24.95 -4.12 -6.08
N LEU C 49 24.73 -4.61 -7.30
CA LEU C 49 23.53 -5.38 -7.63
C LEU C 49 23.66 -6.88 -7.34
N TYR C 50 22.76 -7.35 -6.50
CA TYR C 50 22.74 -8.75 -6.11
C TYR C 50 21.52 -9.50 -6.58
N TYR C 51 21.66 -10.81 -6.67
CA TYR C 51 20.53 -11.67 -6.99
C TYR C 51 20.40 -12.58 -5.75
N PHE C 52 19.17 -12.72 -5.25
CA PHE C 52 18.87 -13.60 -4.12
C PHE C 52 17.79 -14.57 -4.58
N VAL C 53 17.97 -15.84 -4.22
CA VAL C 53 17.01 -16.88 -4.60
C VAL C 53 17.03 -17.99 -3.54
N TYR C 54 15.88 -18.63 -3.35
CA TYR C 54 15.78 -19.71 -2.39
C TYR C 54 14.82 -20.78 -2.94
N HIS C 55 14.98 -22.00 -2.45
CA HIS C 55 14.15 -23.14 -2.80
C HIS C 55 13.97 -23.86 -1.46
N ALA C 56 12.78 -23.72 -0.88
CA ALA C 56 12.46 -24.31 0.43
C ALA C 56 11.45 -25.45 0.36
N SER C 57 11.86 -26.62 0.88
CA SER C 57 11.03 -27.81 0.91
C SER C 57 10.09 -27.77 2.11
N HIS C 58 8.84 -28.16 1.87
CA HIS C 58 7.84 -28.15 2.93
C HIS C 58 6.76 -29.21 2.74
N THR C 59 6.16 -29.63 3.86
CA THR C 59 5.10 -30.64 3.85
C THR C 59 3.80 -30.16 4.51
N ALA C 60 3.73 -28.85 4.70
CA ALA C 60 2.57 -28.14 5.25
C ALA C 60 2.72 -26.72 4.70
N ASN C 61 1.76 -25.85 4.97
CA ASN C 61 1.80 -24.48 4.46
C ASN C 61 3.06 -23.71 4.81
N LEU C 62 3.61 -23.02 3.82
CA LEU C 62 4.82 -22.23 4.02
C LEU C 62 4.85 -20.96 3.19
N CYS C 63 5.11 -19.85 3.86
CA CYS C 63 5.27 -18.56 3.18
C CYS C 63 6.67 -18.08 3.57
N VAL C 64 7.47 -17.73 2.56
CA VAL C 64 8.80 -17.22 2.81
C VAL C 64 8.76 -15.77 2.40
N LEU C 65 9.32 -14.93 3.25
CA LEU C 65 9.36 -13.51 3.04
C LEU C 65 10.80 -13.05 2.97
N LEU C 66 11.12 -12.25 1.96
CA LEU C 66 12.47 -11.74 1.87
C LEU C 66 12.49 -10.30 2.39
N TYR C 67 13.37 -10.05 3.35
CA TYR C 67 13.53 -8.71 3.91
C TYR C 67 14.85 -8.09 3.52
N ARG C 68 14.81 -6.78 3.32
CA ARG C 68 16.00 -5.97 3.01
C ARG C 68 15.99 -4.79 3.98
N SER C 69 17.00 -4.72 4.84
CA SER C 69 17.14 -3.64 5.82
C SER C 69 15.84 -3.27 6.53
N GLY C 70 15.16 -4.29 7.07
CA GLY C 70 13.93 -4.07 7.79
C GLY C 70 12.65 -3.99 6.99
N VAL C 71 12.77 -3.98 5.66
CA VAL C 71 11.62 -3.89 4.78
C VAL C 71 11.30 -5.19 4.04
N LYS C 72 10.05 -5.63 4.13
CA LYS C 72 9.59 -6.84 3.46
C LYS C 72 9.56 -6.52 1.96
N VAL C 73 10.36 -7.24 1.19
CA VAL C 73 10.43 -7.01 -0.25
C VAL C 73 9.48 -7.86 -1.07
N VAL C 74 9.45 -9.17 -0.78
CA VAL C 74 8.60 -10.12 -1.47
C VAL C 74 8.15 -11.24 -0.54
N THR C 75 7.01 -11.85 -0.89
CA THR C 75 6.44 -12.96 -0.13
C THR C 75 5.94 -14.00 -1.11
N PHE C 76 6.30 -15.28 -0.89
CA PHE C 76 5.80 -16.36 -1.73
C PHE C 76 5.29 -17.47 -0.84
N CYS C 77 4.10 -17.96 -1.16
CA CYS C 77 3.46 -19.00 -0.38
C CYS C 77 3.09 -20.25 -1.14
N GLY C 78 3.29 -21.38 -0.47
CA GLY C 78 2.95 -22.67 -1.05
C GLY C 78 2.12 -23.45 -0.04
N HIS C 79 1.00 -24.00 -0.50
CA HIS C 79 0.13 -24.78 0.36
C HIS C 79 0.20 -26.25 -0.02
N THR C 80 0.28 -27.08 1.00
CA THR C 80 0.36 -28.50 0.79
C THR C 80 -0.11 -29.27 2.02
N SER C 81 -0.68 -30.43 1.74
CA SER C 81 -1.15 -31.32 2.78
C SER C 81 -0.38 -32.62 2.74
N LYS C 82 0.48 -32.81 3.76
CA LYS C 82 1.27 -34.02 3.92
C LYS C 82 2.36 -34.35 2.91
N THR C 83 2.13 -34.00 1.65
CA THR C 83 3.13 -34.29 0.63
C THR C 83 4.13 -33.16 0.55
N ASN C 84 5.24 -33.46 -0.11
CA ASN C 84 6.34 -32.53 -0.24
C ASN C 84 6.34 -31.70 -1.51
N GLN C 85 6.53 -30.39 -1.34
CA GLN C 85 6.63 -29.47 -2.48
C GLN C 85 7.79 -28.50 -2.20
N VAL C 86 8.14 -27.70 -3.21
CA VAL C 86 9.22 -26.73 -3.04
C VAL C 86 8.73 -25.32 -3.31
N ASN C 87 8.91 -24.47 -2.31
CA ASN C 87 8.52 -23.08 -2.38
C ASN C 87 9.76 -22.33 -2.90
N SER C 88 9.61 -21.58 -3.98
CA SER C 88 10.75 -20.84 -4.52
C SER C 88 10.46 -19.35 -4.60
N GLY C 89 11.53 -18.59 -4.57
CA GLY C 89 11.40 -17.15 -4.63
C GLY C 89 12.74 -16.51 -4.90
N GLY C 90 12.70 -15.28 -5.41
CA GLY C 90 13.93 -14.58 -5.71
C GLY C 90 13.71 -13.14 -6.15
N VAL C 91 14.78 -12.35 -6.08
CA VAL C 91 14.69 -10.93 -6.43
C VAL C 91 16.08 -10.30 -6.63
N LEU C 92 16.13 -9.32 -7.53
CA LEU C 92 17.38 -8.59 -7.78
C LEU C 92 17.32 -7.31 -6.93
N LEU C 93 18.38 -7.06 -6.18
CA LEU C 93 18.46 -5.87 -5.32
C LEU C 93 19.81 -5.16 -5.38
N ARG C 94 19.78 -3.83 -5.53
CA ARG C 94 20.99 -3.03 -5.58
C ARG C 94 21.28 -2.56 -4.16
N LEU C 95 22.24 -3.18 -3.52
CA LEU C 95 22.55 -2.89 -2.14
C LEU C 95 23.74 -1.99 -1.85
N GLN C 96 23.67 -1.37 -0.68
CA GLN C 96 24.70 -0.46 -0.19
C GLN C 96 25.43 -1.12 1.00
N VAL C 97 26.65 -0.67 1.28
CA VAL C 97 27.44 -1.24 2.36
C VAL C 97 26.68 -1.26 3.68
N GLY C 98 26.72 -2.41 4.35
CA GLY C 98 26.07 -2.58 5.63
C GLY C 98 24.64 -3.10 5.62
N GLU C 99 24.00 -3.07 4.46
CA GLU C 99 22.63 -3.53 4.34
C GLU C 99 22.43 -5.02 4.62
N GLU C 100 21.38 -5.32 5.37
CA GLU C 100 21.08 -6.69 5.73
C GLU C 100 19.98 -7.29 4.88
N VAL C 101 20.14 -8.56 4.51
CA VAL C 101 19.13 -9.30 3.76
C VAL C 101 18.91 -10.65 4.43
N TRP C 102 17.64 -11.00 4.61
CA TRP C 102 17.31 -12.26 5.23
C TRP C 102 15.94 -12.76 4.80
N LEU C 103 15.67 -14.01 5.13
CA LEU C 103 14.39 -14.64 4.84
C LEU C 103 13.67 -14.86 6.16
N ALA C 104 12.34 -14.82 6.10
CA ALA C 104 11.51 -15.03 7.28
C ALA C 104 10.24 -15.79 6.90
N VAL C 105 9.56 -16.32 7.92
CA VAL C 105 8.30 -17.01 7.68
C VAL C 105 7.20 -16.23 8.43
N ASN C 106 5.94 -16.44 8.06
CA ASN C 106 4.85 -15.79 8.78
C ASN C 106 4.12 -16.87 9.61
N ASP C 107 2.78 -16.93 9.61
CA ASP C 107 2.07 -17.96 10.39
C ASP C 107 2.22 -19.31 9.70
N TYR C 108 2.57 -19.27 8.42
CA TYR C 108 2.80 -20.47 7.61
C TYR C 108 4.34 -20.61 7.62
N TYR C 109 4.81 -21.53 8.45
CA TYR C 109 6.24 -21.69 8.72
C TYR C 109 6.87 -23.03 8.45
N ASP C 110 6.12 -23.96 7.88
CA ASP C 110 6.67 -25.28 7.67
C ASP C 110 7.84 -25.39 6.70
N MET C 111 8.90 -26.05 7.16
CA MET C 111 10.08 -26.27 6.35
C MET C 111 10.58 -27.68 6.61
N VAL C 112 9.63 -28.56 6.95
CA VAL C 112 9.97 -29.95 7.20
C VAL C 112 9.85 -30.71 5.89
N GLY C 113 10.97 -30.81 5.19
CA GLY C 113 10.95 -31.53 3.93
C GLY C 113 11.10 -33.01 4.20
N ILE C 114 10.60 -33.82 3.27
CA ILE C 114 10.72 -35.26 3.41
C ILE C 114 12.19 -35.60 3.25
N GLN C 115 12.55 -36.83 3.62
CA GLN C 115 13.91 -37.33 3.52
C GLN C 115 14.30 -37.17 2.04
N GLY C 116 15.32 -36.37 1.76
CA GLY C 116 15.76 -36.15 0.39
C GLY C 116 15.38 -34.82 -0.25
N SER C 117 14.59 -34.01 0.44
CA SER C 117 14.18 -32.72 -0.09
C SER C 117 14.68 -31.67 0.90
N ASP C 118 15.55 -30.79 0.41
CA ASP C 118 16.18 -29.78 1.24
C ASP C 118 15.73 -28.34 1.02
N SER C 119 16.34 -27.42 1.78
CA SER C 119 16.05 -26.00 1.67
C SER C 119 17.36 -25.24 1.54
N VAL C 120 17.40 -24.38 0.54
CA VAL C 120 18.58 -23.59 0.21
C VAL C 120 18.29 -22.10 0.00
N PHE C 121 19.29 -21.27 0.31
CA PHE C 121 19.21 -19.82 0.15
C PHE C 121 20.56 -19.41 -0.46
N SER C 122 20.48 -18.77 -1.62
CA SER C 122 21.68 -18.33 -2.32
C SER C 122 21.63 -16.84 -2.60
N GLY C 123 22.81 -16.25 -2.75
CA GLY C 123 22.90 -14.85 -3.05
C GLY C 123 24.26 -14.56 -3.68
N PHE C 124 24.29 -13.67 -4.65
CA PHE C 124 25.57 -13.32 -5.27
C PHE C 124 25.57 -11.98 -5.98
N LEU C 125 26.71 -11.30 -5.84
CA LEU C 125 26.93 -10.00 -6.45
C LEU C 125 27.17 -10.17 -7.95
N LEU C 126 26.41 -9.42 -8.74
CA LEU C 126 26.53 -9.44 -10.20
C LEU C 126 27.29 -8.22 -10.71
N PHE C 127 26.87 -7.02 -10.28
CA PHE C 127 27.51 -5.78 -10.75
C PHE C 127 28.08 -4.91 -9.64
N PRO C 128 29.41 -4.81 -9.57
CA PRO C 128 30.10 -3.99 -8.57
C PRO C 128 29.78 -2.51 -8.75
N ASP C 129 29.88 -1.75 -7.66
CA ASP C 129 29.77 -0.27 -7.70
C ASP C 129 30.07 0.41 -6.35
N PRO D 1 -17.59 -13.83 -6.20
CA PRO D 1 -16.26 -13.40 -6.67
C PRO D 1 -15.06 -14.07 -5.98
N GLU D 2 -13.87 -13.86 -6.56
CA GLU D 2 -12.64 -14.44 -6.01
C GLU D 2 -11.36 -13.88 -6.63
N LEU D 3 -11.09 -12.59 -6.44
CA LEU D 3 -9.88 -11.97 -6.98
C LEU D 3 -9.28 -11.05 -5.92
N LEU D 4 -8.80 -11.66 -4.83
CA LEU D 4 -8.19 -10.93 -3.73
C LEU D 4 -7.15 -11.81 -3.05
N GLY D 5 -6.18 -11.19 -2.39
CA GLY D 5 -5.17 -11.96 -1.68
C GLY D 5 -5.82 -12.46 -0.42
N GLY D 6 -7.02 -13.02 -0.57
CA GLY D 6 -7.77 -13.52 0.56
C GLY D 6 -8.54 -12.35 1.15
N PRO D 7 -9.26 -12.57 2.26
CA PRO D 7 -10.01 -11.45 2.84
C PRO D 7 -9.04 -10.37 3.31
N SER D 8 -9.57 -9.19 3.62
CA SER D 8 -8.73 -8.08 4.08
C SER D 8 -9.15 -7.62 5.48
N VAL D 9 -8.21 -6.98 6.18
CA VAL D 9 -8.46 -6.50 7.55
C VAL D 9 -8.25 -5.01 7.74
N PHE D 10 -9.06 -4.42 8.60
CA PHE D 10 -8.99 -3.00 8.92
C PHE D 10 -9.24 -2.85 10.42
N LEU D 11 -8.39 -2.06 11.08
CA LEU D 11 -8.48 -1.82 12.52
C LEU D 11 -8.94 -0.41 12.85
N PHE D 12 -9.60 -0.26 14.00
CA PHE D 12 -10.08 1.04 14.42
C PHE D 12 -9.76 1.30 15.89
N PRO D 13 -9.39 2.54 16.24
CA PRO D 13 -9.06 2.92 17.62
C PRO D 13 -10.30 3.34 18.39
N PRO D 14 -10.16 3.45 19.73
CA PRO D 14 -11.30 3.85 20.57
C PRO D 14 -11.72 5.30 20.29
N LYS D 15 -12.91 5.67 20.76
CA LYS D 15 -13.39 7.04 20.56
C LYS D 15 -12.73 7.95 21.60
N PRO D 16 -12.31 9.15 21.17
CA PRO D 16 -11.65 10.14 22.04
C PRO D 16 -12.22 10.30 23.45
N LYS D 17 -13.49 10.68 23.57
CA LYS D 17 -14.10 10.87 24.89
C LYS D 17 -13.90 9.67 25.79
N ASP D 18 -14.07 8.49 25.20
CA ASP D 18 -13.94 7.24 25.91
C ASP D 18 -12.58 7.13 26.57
N THR D 19 -11.54 7.56 25.86
CA THR D 19 -10.16 7.50 26.36
C THR D 19 -9.88 8.56 27.43
N LEU D 20 -10.59 9.68 27.35
CA LEU D 20 -10.43 10.78 28.28
C LEU D 20 -11.38 10.70 29.46
N MET D 21 -12.67 10.53 29.18
CA MET D 21 -13.67 10.42 30.23
C MET D 21 -13.81 9.00 30.74
N ILE D 22 -14.04 8.85 32.05
CA ILE D 22 -14.16 7.55 32.70
C ILE D 22 -15.52 6.86 32.49
N SER D 23 -16.60 7.62 32.47
CA SER D 23 -17.93 7.06 32.30
C SER D 23 -18.00 6.01 31.19
N ARG D 24 -17.00 6.01 30.30
CA ARG D 24 -16.96 5.05 29.19
C ARG D 24 -15.65 4.26 29.11
N THR D 25 -15.78 3.02 28.65
CA THR D 25 -14.64 2.11 28.51
C THR D 25 -14.11 2.07 27.07
N PRO D 26 -12.78 2.13 26.93
CA PRO D 26 -12.07 2.11 25.64
C PRO D 26 -12.37 0.83 24.83
N GLU D 27 -12.56 1.00 23.53
CA GLU D 27 -12.87 -0.12 22.64
C GLU D 27 -12.16 -0.04 21.29
N VAL D 28 -11.27 -1.00 21.05
CA VAL D 28 -10.53 -1.08 19.80
C VAL D 28 -11.14 -2.16 18.92
N THR D 29 -11.67 -1.76 17.76
CA THR D 29 -12.31 -2.68 16.84
C THR D 29 -11.44 -3.18 15.68
N CYS D 30 -11.61 -4.45 15.36
CA CYS D 30 -10.88 -5.11 14.28
C CYS D 30 -11.95 -5.72 13.36
N VAL D 31 -12.17 -5.09 12.21
CA VAL D 31 -13.18 -5.57 11.28
C VAL D 31 -12.57 -6.36 10.12
N VAL D 32 -13.35 -7.29 9.59
CA VAL D 32 -12.90 -8.11 8.47
C VAL D 32 -13.99 -8.16 7.40
N VAL D 33 -13.57 -8.05 6.15
CA VAL D 33 -14.50 -8.07 5.03
C VAL D 33 -13.94 -8.88 3.89
N ASP D 34 -14.75 -9.09 2.86
CA ASP D 34 -14.30 -9.89 1.72
C ASP D 34 -13.97 -11.29 2.22
N VAL D 35 -14.88 -11.85 3.01
CA VAL D 35 -14.74 -13.20 3.56
C VAL D 35 -15.62 -14.12 2.74
N SER D 36 -15.02 -14.71 1.70
CA SER D 36 -15.72 -15.62 0.81
C SER D 36 -16.55 -16.68 1.53
N HIS D 37 -17.68 -17.04 0.92
CA HIS D 37 -18.59 -18.04 1.48
C HIS D 37 -17.96 -19.44 1.50
N GLU D 38 -16.88 -19.62 0.75
CA GLU D 38 -16.20 -20.91 0.71
C GLU D 38 -15.41 -21.11 1.98
N ASP D 39 -14.99 -19.99 2.60
CA ASP D 39 -14.24 -20.03 3.84
C ASP D 39 -14.66 -18.87 4.74
N PRO D 40 -15.79 -19.02 5.45
CA PRO D 40 -16.33 -18.01 6.35
C PRO D 40 -15.69 -18.01 7.74
N GLU D 41 -15.06 -19.11 8.11
CA GLU D 41 -14.42 -19.23 9.42
C GLU D 41 -13.26 -18.24 9.57
N VAL D 42 -13.33 -17.42 10.62
CA VAL D 42 -12.30 -16.43 10.89
C VAL D 42 -11.84 -16.51 12.35
N LYS D 43 -10.56 -16.25 12.58
CA LYS D 43 -9.99 -16.27 13.92
C LYS D 43 -9.10 -15.04 14.16
N PHE D 44 -9.22 -14.43 15.32
CA PHE D 44 -8.44 -13.25 15.68
C PHE D 44 -7.48 -13.52 16.82
N ASN D 45 -6.45 -12.68 16.92
CA ASN D 45 -5.45 -12.79 17.97
C ASN D 45 -5.11 -11.37 18.40
N TRP D 46 -4.94 -11.15 19.70
CA TRP D 46 -4.61 -9.81 20.20
C TRP D 46 -3.28 -9.75 20.93
N TYR D 47 -2.42 -8.82 20.51
CA TYR D 47 -1.12 -8.64 21.13
C TYR D 47 -0.94 -7.20 21.63
N VAL D 48 -0.73 -7.06 22.94
CA VAL D 48 -0.51 -5.75 23.53
C VAL D 48 1.00 -5.59 23.76
N ASP D 49 1.64 -4.83 22.88
CA ASP D 49 3.09 -4.62 22.94
C ASP D 49 3.77 -5.97 22.81
N GLY D 50 3.15 -6.87 22.06
CA GLY D 50 3.71 -8.19 21.86
C GLY D 50 3.07 -9.23 22.78
N VAL D 51 2.78 -8.84 24.01
CA VAL D 51 2.19 -9.74 24.98
C VAL D 51 0.72 -10.03 24.65
N GLU D 52 0.44 -11.28 24.33
CA GLU D 52 -0.89 -11.72 23.95
C GLU D 52 -1.90 -11.71 25.11
N VAL D 53 -3.17 -11.52 24.75
CA VAL D 53 -4.27 -11.49 25.72
C VAL D 53 -5.53 -12.02 25.04
N HIS D 54 -6.35 -12.75 25.79
CA HIS D 54 -7.57 -13.34 25.22
C HIS D 54 -8.87 -12.78 25.79
N ASN D 55 -8.78 -11.70 26.57
CA ASN D 55 -9.96 -11.09 27.17
C ASN D 55 -10.86 -10.42 26.14
N ALA D 56 -10.61 -10.70 24.86
CA ALA D 56 -11.39 -10.11 23.78
C ALA D 56 -12.76 -10.77 23.62
N LYS D 57 -13.62 -10.12 22.85
CA LYS D 57 -14.97 -10.62 22.58
C LYS D 57 -15.26 -10.45 21.10
N THR D 58 -15.81 -11.49 20.48
CA THR D 58 -16.13 -11.45 19.06
C THR D 58 -17.62 -11.46 18.79
N LYS D 59 -18.08 -10.41 18.11
CA LYS D 59 -19.49 -10.29 17.76
C LYS D 59 -19.77 -11.27 16.63
N PRO D 60 -21.03 -11.69 16.48
CA PRO D 60 -21.40 -12.63 15.41
C PRO D 60 -21.13 -12.09 14.02
N ARG D 61 -21.17 -12.97 13.04
CA ARG D 61 -20.91 -12.61 11.65
C ARG D 61 -22.20 -12.20 10.93
N GLU D 62 -22.06 -11.31 9.95
CA GLU D 62 -23.21 -10.85 9.17
C GLU D 62 -22.89 -10.94 7.68
N GLU D 63 -23.94 -10.92 6.86
CA GLU D 63 -23.78 -11.02 5.42
C GLU D 63 -23.74 -9.68 4.71
N GLN D 64 -22.95 -9.62 3.64
CA GLN D 64 -22.80 -8.39 2.85
C GLN D 64 -23.54 -8.48 1.52
N TYR D 65 -23.69 -7.33 0.88
CA TYR D 65 -24.40 -7.23 -0.40
C TYR D 65 -23.85 -8.15 -1.48
N ASN D 66 -22.55 -8.03 -1.76
CA ASN D 66 -21.92 -8.82 -2.80
C ASN D 66 -21.32 -10.16 -2.38
N SER D 67 -21.99 -10.85 -1.46
CA SER D 67 -21.53 -12.16 -1.01
C SER D 67 -20.27 -12.17 -0.17
N THR D 68 -20.21 -11.32 0.85
CA THR D 68 -19.04 -11.28 1.74
C THR D 68 -19.53 -11.21 3.17
N TYR D 69 -18.64 -11.50 4.12
CA TYR D 69 -19.01 -11.47 5.53
C TYR D 69 -18.37 -10.31 6.28
N ARG D 70 -18.94 -9.97 7.42
CA ARG D 70 -18.43 -8.90 8.27
C ARG D 70 -18.23 -9.39 9.68
N VAL D 71 -17.04 -9.91 9.98
CA VAL D 71 -16.73 -10.41 11.31
C VAL D 71 -15.99 -9.31 12.07
N VAL D 72 -16.30 -9.16 13.36
CA VAL D 72 -15.65 -8.13 14.15
C VAL D 72 -15.26 -8.58 15.56
N SER D 73 -14.06 -8.21 15.99
CA SER D 73 -13.59 -8.55 17.32
C SER D 73 -13.26 -7.26 18.05
N VAL D 74 -14.02 -6.99 19.11
CA VAL D 74 -13.82 -5.77 19.89
C VAL D 74 -13.09 -6.02 21.21
N LEU D 75 -11.86 -5.54 21.28
CA LEU D 75 -11.03 -5.70 22.47
C LEU D 75 -11.07 -4.45 23.35
N THR D 76 -12.04 -4.38 24.26
CA THR D 76 -12.15 -3.24 25.14
C THR D 76 -10.82 -3.12 25.91
N VAL D 77 -10.02 -2.12 25.52
CA VAL D 77 -8.72 -1.90 26.13
C VAL D 77 -8.83 -1.01 27.37
N LEU D 78 -7.69 -0.62 27.93
CA LEU D 78 -7.68 0.23 29.12
C LEU D 78 -7.14 1.65 28.91
N HIS D 79 -7.64 2.56 29.73
CA HIS D 79 -7.26 3.98 29.71
C HIS D 79 -5.77 4.19 29.89
N GLN D 80 -5.21 3.58 30.93
CA GLN D 80 -3.79 3.68 31.23
C GLN D 80 -2.96 3.20 30.05
N ASP D 81 -3.28 2.00 29.58
CA ASP D 81 -2.57 1.39 28.45
C ASP D 81 -2.58 2.32 27.25
N TRP D 82 -3.79 2.60 26.74
CA TRP D 82 -3.92 3.47 25.59
C TRP D 82 -3.19 4.80 25.77
N LEU D 83 -3.55 5.54 26.80
CA LEU D 83 -2.94 6.84 27.05
C LEU D 83 -1.42 6.82 27.20
N ASN D 84 -0.88 5.69 27.64
CA ASN D 84 0.57 5.57 27.80
C ASN D 84 1.28 5.34 26.49
N GLY D 85 0.54 4.93 25.47
CA GLY D 85 1.12 4.69 24.17
C GLY D 85 1.25 3.21 23.90
N LYS D 86 0.49 2.41 24.65
CA LYS D 86 0.52 0.95 24.50
C LYS D 86 0.17 0.61 23.06
N GLU D 87 1.02 -0.22 22.45
CA GLU D 87 0.81 -0.64 21.06
C GLU D 87 -0.03 -1.91 20.99
N TYR D 88 -1.13 -1.85 20.27
CA TYR D 88 -2.02 -3.00 20.13
C TYR D 88 -1.94 -3.60 18.74
N LYS D 89 -2.18 -4.91 18.65
CA LYS D 89 -2.12 -5.59 17.37
C LYS D 89 -3.21 -6.64 17.22
N CYS D 90 -3.88 -6.64 16.07
CA CYS D 90 -4.92 -7.60 15.79
C CYS D 90 -4.48 -8.48 14.62
N LYS D 91 -4.16 -9.72 14.92
CA LYS D 91 -3.72 -10.67 13.90
C LYS D 91 -4.87 -11.58 13.51
N VAL D 92 -5.18 -11.61 12.21
CA VAL D 92 -6.26 -12.44 11.70
C VAL D 92 -5.76 -13.39 10.63
N SER D 93 -6.28 -14.61 10.64
CA SER D 93 -5.89 -15.62 9.67
C SER D 93 -7.11 -16.37 9.14
N ASN D 94 -7.16 -16.54 7.83
CA ASN D 94 -8.26 -17.25 7.17
C ASN D 94 -7.65 -18.23 6.19
N LYS D 95 -8.27 -19.41 6.06
CA LYS D 95 -7.78 -20.43 5.17
C LYS D 95 -7.70 -19.92 3.73
N ALA D 96 -8.64 -19.06 3.36
CA ALA D 96 -8.68 -18.50 2.01
C ALA D 96 -7.64 -17.38 1.86
N LEU D 97 -6.93 -17.11 2.95
CA LEU D 97 -5.92 -16.06 2.95
C LEU D 97 -4.53 -16.70 2.92
N PRO D 98 -3.64 -16.17 2.07
CA PRO D 98 -2.27 -16.67 1.94
C PRO D 98 -1.40 -16.48 3.17
N ALA D 99 -1.45 -15.28 3.75
CA ALA D 99 -0.67 -14.96 4.94
C ALA D 99 -1.54 -14.35 6.03
N PRO D 100 -1.14 -14.51 7.30
CA PRO D 100 -1.89 -13.96 8.45
C PRO D 100 -1.82 -12.45 8.52
N ILE D 101 -2.93 -11.78 8.21
CA ILE D 101 -2.99 -10.33 8.24
C ILE D 101 -3.02 -9.83 9.69
N GLU D 102 -2.10 -8.93 10.01
CA GLU D 102 -2.02 -8.36 11.35
C GLU D 102 -1.76 -6.86 11.28
N LYS D 103 -2.53 -6.10 12.06
CA LYS D 103 -2.38 -4.65 12.08
C LYS D 103 -2.20 -4.14 13.51
N THR D 104 -1.55 -2.99 13.65
CA THR D 104 -1.30 -2.40 14.96
C THR D 104 -2.01 -1.06 15.14
N ILE D 105 -2.33 -0.73 16.39
CA ILE D 105 -3.01 0.51 16.69
C ILE D 105 -2.59 1.04 18.06
N SER D 106 -2.51 2.35 18.18
CA SER D 106 -2.12 2.98 19.44
C SER D 106 -2.42 4.47 19.39
N LYS D 107 -2.45 5.10 20.56
CA LYS D 107 -2.72 6.53 20.67
C LYS D 107 -1.76 7.38 19.83
N ALA D 108 -2.31 8.42 19.21
CA ALA D 108 -1.52 9.33 18.40
C ALA D 108 -0.60 10.10 19.34
N LYS D 109 0.70 9.84 19.24
CA LYS D 109 1.69 10.51 20.09
C LYS D 109 2.00 11.94 19.62
N GLY D 110 2.68 12.70 20.48
CA GLY D 110 3.03 14.06 20.14
C GLY D 110 3.03 15.02 21.33
N GLN D 111 3.88 16.05 21.25
CA GLN D 111 3.98 17.08 22.29
C GLN D 111 2.62 17.77 22.46
N PRO D 112 2.84 16.32 23.08
CA PRO D 112 1.70 17.02 23.64
C PRO D 112 1.91 18.52 23.78
N ARG D 113 0.85 19.27 23.54
CA ARG D 113 0.91 20.73 23.69
C ARG D 113 -0.30 21.15 24.50
N GLU D 114 -0.05 21.94 25.55
CA GLU D 114 -1.11 22.40 26.45
C GLU D 114 -2.09 23.39 25.85
N PRO D 115 -3.40 23.06 25.92
CA PRO D 115 -4.43 23.93 25.37
C PRO D 115 -4.73 25.15 26.23
N GLN D 116 -4.98 26.26 25.56
CA GLN D 116 -5.36 27.51 26.22
C GLN D 116 -6.89 27.64 26.01
N VAL D 117 -7.61 27.86 27.10
CA VAL D 117 -9.06 27.99 27.04
C VAL D 117 -9.46 29.44 27.26
N TYR D 118 -10.37 29.95 26.43
CA TYR D 118 -10.85 31.33 26.55
C TYR D 118 -12.36 31.41 26.31
N THR D 119 -13.10 32.05 27.22
CA THR D 119 -14.52 32.20 27.02
C THR D 119 -14.75 33.60 26.47
N LEU D 120 -15.73 33.73 25.57
CA LEU D 120 -16.05 35.01 24.96
C LEU D 120 -17.55 35.23 25.05
N PRO D 121 -17.97 36.38 25.56
CA PRO D 121 -19.40 36.68 25.68
C PRO D 121 -20.03 37.02 24.34
N PRO D 122 -21.37 37.13 24.28
CA PRO D 122 -22.09 37.46 23.04
C PRO D 122 -21.66 38.80 22.49
N SER D 123 -21.77 38.96 21.17
CA SER D 123 -21.42 40.24 20.56
C SER D 123 -22.60 41.14 20.87
N ARG D 124 -22.35 42.43 21.02
CA ARG D 124 -23.43 43.39 21.31
C ARG D 124 -24.58 43.20 20.32
N ASP D 125 -24.27 43.15 19.03
CA ASP D 125 -25.29 42.99 18.01
C ASP D 125 -26.18 41.77 18.22
N GLU D 126 -25.63 40.65 18.67
CA GLU D 126 -26.47 39.49 18.86
C GLU D 126 -27.43 39.65 20.03
N LEU D 127 -27.16 40.63 20.91
CA LEU D 127 -28.00 40.84 22.08
C LEU D 127 -29.42 41.26 21.75
N THR D 128 -29.69 41.58 20.50
CA THR D 128 -31.03 41.97 20.15
C THR D 128 -31.90 40.74 19.90
N LYS D 129 -31.26 39.58 19.75
CA LYS D 129 -31.99 38.33 19.55
C LYS D 129 -32.55 37.74 20.85
N ASN D 130 -33.36 36.69 20.74
CA ASN D 130 -33.95 36.03 21.90
C ASN D 130 -33.01 34.98 22.50
N GLN D 131 -32.02 34.58 21.70
CA GLN D 131 -31.04 33.60 22.12
C GLN D 131 -29.68 34.16 21.79
N VAL D 132 -28.69 33.89 22.65
CA VAL D 132 -27.36 34.41 22.39
C VAL D 132 -26.30 33.29 22.33
N SER D 133 -25.14 33.61 21.78
CA SER D 133 -24.08 32.62 21.69
C SER D 133 -22.96 32.87 22.70
N LEU D 134 -22.64 31.85 23.48
CA LEU D 134 -21.55 31.96 24.43
C LEU D 134 -20.47 31.13 23.75
N THR D 135 -19.32 31.73 23.52
CA THR D 135 -18.23 31.07 22.82
C THR D 135 -17.06 30.65 23.68
N CYS D 136 -16.57 29.45 23.40
CA CYS D 136 -15.41 28.93 24.11
C CYS D 136 -14.33 28.64 23.07
N LEU D 137 -13.21 29.33 23.19
CA LEU D 137 -12.09 29.13 22.26
C LEU D 137 -11.03 28.29 22.95
N VAL D 138 -10.58 27.21 22.30
CA VAL D 138 -9.55 26.35 22.86
C VAL D 138 -8.45 26.28 21.82
N LYS D 139 -7.26 26.76 22.13
CA LYS D 139 -6.20 26.74 21.13
C LYS D 139 -4.85 26.30 21.69
N GLY D 140 -3.94 25.97 20.79
CA GLY D 140 -2.61 25.55 21.16
C GLY D 140 -2.44 24.09 21.58
N PHE D 141 -3.49 23.29 21.51
CA PHE D 141 -3.37 21.90 21.92
C PHE D 141 -2.89 20.90 20.85
N TYR D 142 -2.40 19.77 21.36
CA TYR D 142 -1.88 18.66 20.56
C TYR D 142 -1.66 17.49 21.53
N PRO D 143 -2.08 16.27 21.13
CA PRO D 143 -2.75 15.95 19.86
C PRO D 143 -4.19 16.45 19.83
N SER D 144 -4.91 16.12 18.78
CA SER D 144 -6.28 16.57 18.57
C SER D 144 -7.31 15.95 19.48
N ASP D 145 -7.00 14.85 20.14
CA ASP D 145 -7.99 14.22 21.02
C ASP D 145 -8.26 15.18 22.16
N ILE D 146 -9.53 15.57 22.30
CA ILE D 146 -9.93 16.50 23.33
C ILE D 146 -11.41 16.36 23.61
N ALA D 147 -11.86 16.97 24.70
CA ALA D 147 -13.27 16.94 25.05
C ALA D 147 -13.63 18.31 25.62
N VAL D 148 -14.74 18.86 25.15
CA VAL D 148 -15.20 20.16 25.60
C VAL D 148 -16.63 20.02 26.08
N GLU D 149 -16.92 20.53 27.27
CA GLU D 149 -18.27 20.44 27.77
C GLU D 149 -18.69 21.78 28.38
N TRP D 150 -19.99 22.05 28.48
CA TRP D 150 -20.51 23.30 29.08
C TRP D 150 -21.42 23.00 30.24
N GLU D 151 -21.34 23.81 31.28
CA GLU D 151 -22.19 23.61 32.44
C GLU D 151 -22.55 24.93 33.11
N SER D 152 -23.56 24.87 33.97
CA SER D 152 -24.00 26.01 34.72
C SER D 152 -24.67 25.47 35.97
N ASN D 153 -24.55 26.21 37.07
CA ASN D 153 -25.13 25.82 38.34
C ASN D 153 -25.07 24.33 38.61
N GLY D 154 -23.88 23.76 38.52
CA GLY D 154 -23.68 22.34 38.75
C GLY D 154 -24.28 21.38 37.73
N GLN D 155 -25.10 21.90 36.81
CA GLN D 155 -25.74 21.05 35.80
C GLN D 155 -25.14 21.24 34.41
N PRO D 156 -25.27 20.22 33.53
CA PRO D 156 -24.74 20.29 32.15
C PRO D 156 -25.67 20.98 31.20
N GLU D 157 -25.13 21.87 30.38
CA GLU D 157 -25.97 22.54 29.43
C GLU D 157 -26.23 21.52 28.33
N ASN D 158 -27.30 21.76 27.57
CA ASN D 158 -27.65 20.86 26.49
C ASN D 158 -27.26 21.39 25.14
N ASN D 159 -27.83 22.55 24.84
CA ASN D 159 -27.68 23.18 23.55
C ASN D 159 -26.38 23.77 23.08
N TYR D 160 -25.39 22.93 22.74
CA TYR D 160 -24.13 23.46 22.25
C TYR D 160 -23.52 22.55 21.21
N LYS D 161 -22.67 23.12 20.34
CA LYS D 161 -22.02 22.39 19.26
C LYS D 161 -20.56 22.84 19.13
N THR D 162 -19.64 21.88 19.06
CA THR D 162 -18.24 22.20 18.97
C THR D 162 -17.69 21.90 17.59
N THR D 163 -16.95 22.85 17.04
CA THR D 163 -16.37 22.62 15.73
C THR D 163 -15.36 21.49 15.92
N PRO D 164 -14.90 20.92 14.81
CA PRO D 164 -13.92 19.85 14.88
C PRO D 164 -12.58 20.53 15.10
N PRO D 165 -11.57 19.80 15.56
CA PRO D 165 -10.27 20.45 15.75
C PRO D 165 -9.75 21.00 14.42
N VAL D 166 -9.11 22.16 14.45
CA VAL D 166 -8.60 22.76 13.23
C VAL D 166 -7.13 23.03 13.39
N LEU D 167 -6.33 22.58 12.42
CA LEU D 167 -4.88 22.75 12.44
C LEU D 167 -4.53 24.22 12.33
N ASP D 168 -3.72 24.71 13.27
CA ASP D 168 -3.34 26.12 13.28
C ASP D 168 -2.00 26.38 12.61
N SER D 169 -1.68 27.66 12.46
CA SER D 169 -0.45 28.08 11.83
C SER D 169 0.81 27.39 12.31
N ASP D 170 0.84 27.00 13.59
CA ASP D 170 2.02 26.37 14.18
C ASP D 170 1.98 24.88 14.46
N GLY D 171 1.00 24.18 13.93
CA GLY D 171 0.95 22.76 14.16
C GLY D 171 0.07 22.34 15.31
N SER D 172 -0.41 23.28 16.10
CA SER D 172 -1.28 22.88 17.19
C SER D 172 -2.71 22.95 16.65
N PHE D 173 -3.69 22.49 17.43
CA PHE D 173 -5.07 22.57 16.97
C PHE D 173 -5.83 23.57 17.81
N PHE D 174 -6.94 24.07 17.28
CA PHE D 174 -7.79 24.98 18.02
C PHE D 174 -9.18 24.63 17.62
N LEU D 175 -10.16 24.94 18.46
CA LEU D 175 -11.54 24.68 18.09
C LEU D 175 -12.41 25.71 18.76
N TYR D 176 -13.71 25.69 18.47
CA TYR D 176 -14.62 26.63 19.11
C TYR D 176 -15.87 25.86 19.49
N SER D 177 -16.42 26.17 20.65
CA SER D 177 -17.64 25.52 21.08
C SER D 177 -18.69 26.62 21.23
N LYS D 178 -19.89 26.40 20.72
CA LYS D 178 -20.90 27.42 20.80
C LYS D 178 -22.08 26.97 21.61
N LEU D 179 -22.31 27.64 22.74
CA LEU D 179 -23.41 27.34 23.61
C LEU D 179 -24.50 28.40 23.31
N THR D 180 -25.71 27.93 23.03
CA THR D 180 -26.81 28.82 22.75
C THR D 180 -27.72 28.80 23.95
N VAL D 181 -28.06 29.98 24.48
CA VAL D 181 -28.95 30.08 25.64
C VAL D 181 -29.90 31.25 25.45
N ASP D 182 -31.05 31.21 26.11
CA ASP D 182 -32.00 32.30 25.98
C ASP D 182 -31.36 33.56 26.53
N LYS D 183 -31.55 34.69 25.85
CA LYS D 183 -30.99 35.95 26.31
C LYS D 183 -31.28 36.21 27.79
N SER D 184 -32.49 35.86 28.24
CA SER D 184 -32.84 36.06 29.64
C SER D 184 -31.84 35.44 30.62
N ARG D 185 -31.51 34.16 30.44
CA ARG D 185 -30.56 33.50 31.34
C ARG D 185 -29.24 34.24 31.39
N TRP D 186 -28.80 34.74 30.23
CA TRP D 186 -27.54 35.47 30.17
C TRP D 186 -27.63 36.74 30.98
N GLN D 187 -28.74 37.46 30.84
CA GLN D 187 -28.94 38.73 31.55
C GLN D 187 -29.26 38.57 33.04
N GLN D 188 -29.77 37.40 33.42
CA GLN D 188 -30.09 37.14 34.81
C GLN D 188 -28.78 36.91 35.58
N GLY D 189 -27.66 37.07 34.89
CA GLY D 189 -26.37 36.90 35.55
C GLY D 189 -25.88 35.49 35.82
N ASN D 190 -26.56 34.47 35.31
CA ASN D 190 -26.09 33.10 35.54
C ASN D 190 -24.64 32.94 35.09
N VAL D 191 -23.92 32.05 35.75
CA VAL D 191 -22.53 31.83 35.37
C VAL D 191 -22.36 30.52 34.63
N PHE D 192 -21.79 30.62 33.44
CA PHE D 192 -21.57 29.48 32.58
C PHE D 192 -20.08 29.20 32.55
N SER D 193 -19.73 27.93 32.45
CA SER D 193 -18.33 27.54 32.39
C SER D 193 -18.06 26.42 31.38
N CYS D 194 -16.97 26.61 30.68
CA CYS D 194 -16.50 25.71 29.64
C CYS D 194 -15.42 24.79 30.20
N SER D 195 -15.71 23.49 30.23
CA SER D 195 -14.77 22.50 30.73
C SER D 195 -14.05 21.81 29.59
N VAL D 196 -12.73 21.77 29.68
CA VAL D 196 -11.96 21.11 28.64
C VAL D 196 -11.12 19.96 29.22
N MET D 197 -11.25 18.78 28.64
CA MET D 197 -10.51 17.61 29.10
C MET D 197 -9.49 17.22 28.04
N HIS D 198 -8.21 17.28 28.37
CA HIS D 198 -7.15 16.97 27.40
C HIS D 198 -5.96 16.40 28.14
N GLU D 199 -5.15 15.58 27.47
CA GLU D 199 -4.01 14.97 28.15
C GLU D 199 -2.94 15.94 28.61
N ALA D 200 -2.75 17.02 27.87
CA ALA D 200 -1.70 17.98 28.20
C ALA D 200 -2.16 19.07 29.16
N LEU D 201 -3.14 18.75 30.00
CA LEU D 201 -3.66 19.68 31.01
C LEU D 201 -3.39 19.11 32.40
N HIS D 202 -3.14 19.97 33.38
CA HIS D 202 -2.91 19.51 34.75
C HIS D 202 -4.14 18.74 35.21
N ASN D 203 -3.97 17.47 35.59
CA ASN D 203 -5.10 16.66 35.99
C ASN D 203 -6.02 16.43 34.82
N HIS D 204 -5.52 16.71 33.60
CA HIS D 204 -6.30 16.52 32.37
C HIS D 204 -7.65 17.26 32.41
N TYR D 205 -7.69 18.42 33.06
CA TYR D 205 -8.94 19.16 33.18
C TYR D 205 -8.75 20.63 33.46
N THR D 206 -9.52 21.46 32.78
CA THR D 206 -9.45 22.89 33.02
C THR D 206 -10.83 23.49 32.80
N GLN D 207 -11.07 24.68 33.36
CA GLN D 207 -12.36 25.36 33.26
C GLN D 207 -12.21 26.86 33.13
N LYS D 208 -13.13 27.48 32.42
CA LYS D 208 -13.14 28.92 32.26
C LYS D 208 -14.59 29.36 32.40
N SER D 209 -14.85 30.43 33.13
CA SER D 209 -16.22 30.86 33.29
C SER D 209 -16.56 32.00 32.42
N LEU D 210 -17.86 32.30 32.36
CA LEU D 210 -18.38 33.37 31.53
C LEU D 210 -19.73 33.78 32.10
N SER D 211 -19.92 35.07 32.28
CA SER D 211 -21.17 35.63 32.81
C SER D 211 -21.24 37.11 32.49
N LEU D 212 -22.46 37.65 32.42
CA LEU D 212 -22.65 39.06 32.11
C LEU D 212 -21.84 39.92 33.05
N SER D 213 -21.26 41.00 32.54
CA SER D 213 -20.48 41.89 33.40
C SER D 213 -21.28 42.15 34.67
N PRO D 214 -20.59 42.29 35.81
CA PRO D 214 -21.23 42.53 37.11
C PRO D 214 -22.67 43.03 37.02
N GLY D 215 -22.83 44.31 36.74
CA GLY D 215 -24.15 44.93 36.61
C GLY D 215 -25.33 44.24 37.27
N LYS D 216 -26.10 43.51 36.47
CA LYS D 216 -27.28 42.81 36.97
C LYS D 216 -27.25 41.31 36.62
N LEU E 4 -12.00 -3.57 -12.28
CA LEU E 4 -12.91 -2.44 -12.13
C LEU E 4 -13.90 -2.43 -13.29
N GLY E 5 -15.06 -1.82 -13.08
CA GLY E 5 -16.04 -1.73 -14.14
C GLY E 5 -15.56 -0.64 -15.09
N GLY E 6 -14.28 -0.73 -15.44
CA GLY E 6 -13.67 0.26 -16.31
C GLY E 6 -13.21 1.41 -15.45
N PRO E 7 -12.45 2.89 -15.21
CA PRO E 7 -12.40 4.32 -14.94
C PRO E 7 -13.47 4.69 -13.90
N SER E 8 -13.31 5.86 -13.28
CA SER E 8 -14.25 6.40 -12.30
C SER E 8 -14.27 7.91 -12.46
N VAL E 9 -15.48 8.47 -12.49
CA VAL E 9 -15.65 9.90 -12.66
C VAL E 9 -16.06 10.64 -11.38
N PHE E 10 -15.51 11.84 -11.21
CA PHE E 10 -15.81 12.70 -10.07
C PHE E 10 -16.01 14.13 -10.58
N LEU E 11 -17.23 14.61 -10.47
CA LEU E 11 -17.57 15.97 -10.91
C LEU E 11 -17.56 16.97 -9.74
N PHE E 12 -16.67 17.94 -9.81
CA PHE E 12 -16.53 18.97 -8.77
C PHE E 12 -17.12 20.33 -9.12
N PRO E 13 -17.68 21.01 -8.11
CA PRO E 13 -18.31 22.32 -8.24
C PRO E 13 -17.27 23.45 -8.27
N PRO E 14 -17.71 24.64 -8.66
CA PRO E 14 -16.80 25.80 -8.73
C PRO E 14 -16.32 26.29 -7.35
N LYS E 15 -15.17 26.94 -7.33
CA LYS E 15 -14.67 27.53 -6.10
C LYS E 15 -15.70 28.64 -5.78
N PRO E 16 -16.29 28.65 -4.57
CA PRO E 16 -17.26 29.66 -4.16
C PRO E 16 -16.81 31.09 -4.46
N LYS E 17 -15.55 31.39 -4.18
CA LYS E 17 -15.06 32.72 -4.44
C LYS E 17 -15.21 33.08 -5.91
N ASP E 18 -14.90 32.13 -6.80
CA ASP E 18 -15.00 32.33 -8.25
C ASP E 18 -16.41 32.68 -8.70
N THR E 19 -17.40 32.06 -8.06
CA THR E 19 -18.79 32.29 -8.41
C THR E 19 -19.32 33.64 -7.97
N LEU E 20 -18.64 34.31 -7.05
CA LEU E 20 -19.12 35.61 -6.57
C LEU E 20 -18.37 36.85 -7.02
N MET E 21 -17.20 36.72 -7.65
CA MET E 21 -16.50 37.90 -8.14
C MET E 21 -16.48 37.98 -9.66
N ILE E 22 -16.71 39.18 -10.18
CA ILE E 22 -16.73 39.38 -11.62
C ILE E 22 -15.36 39.19 -12.26
N SER E 23 -14.31 39.37 -11.47
CA SER E 23 -12.96 39.21 -12.00
C SER E 23 -12.44 37.78 -12.00
N ARG E 24 -13.25 36.82 -11.55
CA ARG E 24 -12.84 35.41 -11.51
C ARG E 24 -13.71 34.61 -12.48
N THR E 25 -13.25 33.43 -12.88
CA THR E 25 -14.01 32.62 -13.82
C THR E 25 -14.27 31.25 -13.24
N PRO E 26 -15.50 31.01 -12.81
CA PRO E 26 -15.88 29.73 -12.21
C PRO E 26 -15.95 28.59 -13.23
N GLU E 27 -15.61 27.39 -12.77
CA GLU E 27 -15.59 26.20 -13.61
C GLU E 27 -15.91 24.93 -12.85
N VAL E 28 -16.68 24.06 -13.49
CA VAL E 28 -17.01 22.76 -12.92
C VAL E 28 -15.93 21.83 -13.49
N THR E 29 -15.41 20.93 -12.67
CA THR E 29 -14.35 20.03 -13.11
C THR E 29 -14.72 18.55 -13.09
N CYS E 30 -14.45 17.87 -14.21
CA CYS E 30 -14.75 16.45 -14.35
C CYS E 30 -13.44 15.68 -14.36
N VAL E 31 -13.24 14.88 -13.33
CA VAL E 31 -12.02 14.10 -13.23
C VAL E 31 -12.21 12.60 -13.39
N VAL E 32 -11.47 12.01 -14.31
CA VAL E 32 -11.52 10.56 -14.53
C VAL E 32 -10.23 9.92 -14.00
N VAL E 33 -10.40 8.98 -13.07
CA VAL E 33 -9.24 8.30 -12.50
C VAL E 33 -9.21 6.84 -12.95
N ASP E 34 -8.07 6.18 -12.69
CA ASP E 34 -7.91 4.79 -13.09
C ASP E 34 -8.23 4.57 -14.56
N VAL E 35 -7.46 5.25 -15.41
CA VAL E 35 -7.58 5.15 -16.86
C VAL E 35 -6.40 4.31 -17.27
N SER E 36 -6.68 3.07 -17.66
CA SER E 36 -5.68 2.09 -18.09
C SER E 36 -4.66 2.57 -19.12
N HIS E 37 -3.43 2.06 -18.99
CA HIS E 37 -2.35 2.38 -19.93
C HIS E 37 -2.70 1.72 -21.27
N GLU E 38 -3.49 0.64 -21.18
CA GLU E 38 -3.95 -0.10 -22.34
C GLU E 38 -4.80 0.81 -23.23
N ASP E 39 -5.76 1.50 -22.62
CA ASP E 39 -6.64 2.42 -23.34
C ASP E 39 -6.77 3.75 -22.58
N PRO E 40 -5.83 4.68 -22.84
CA PRO E 40 -5.85 5.98 -22.18
C PRO E 40 -6.76 7.04 -22.81
N GLU E 41 -7.17 6.81 -24.05
CA GLU E 41 -8.03 7.76 -24.75
C GLU E 41 -9.35 7.87 -24.04
N VAL E 42 -9.76 9.10 -23.73
CA VAL E 42 -11.03 9.35 -23.05
C VAL E 42 -11.81 10.43 -23.79
N LYS E 43 -13.12 10.23 -23.92
CA LYS E 43 -13.98 11.19 -24.61
C LYS E 43 -14.93 11.87 -23.64
N PHE E 44 -14.96 13.21 -23.68
CA PHE E 44 -15.82 13.99 -22.79
C PHE E 44 -17.01 14.66 -23.46
N ASN E 45 -18.18 14.56 -22.84
CA ASN E 45 -19.40 15.19 -23.35
C ASN E 45 -20.11 15.92 -22.22
N TRP E 46 -20.19 17.25 -22.34
CA TRP E 46 -20.84 18.09 -21.31
C TRP E 46 -22.23 18.53 -21.72
N TYR E 47 -23.10 18.72 -20.72
CA TYR E 47 -24.47 19.17 -20.99
C TYR E 47 -25.00 20.13 -19.94
N VAL E 48 -25.44 21.31 -20.38
CA VAL E 48 -25.99 22.31 -19.48
C VAL E 48 -27.51 22.22 -19.60
N ASP E 49 -28.11 21.59 -18.60
CA ASP E 49 -29.55 21.39 -18.58
C ASP E 49 -30.04 20.56 -19.75
N GLY E 50 -29.15 19.72 -20.28
CA GLY E 50 -29.53 18.87 -21.39
C GLY E 50 -28.86 19.24 -22.69
N VAL E 51 -28.69 20.54 -22.94
CA VAL E 51 -28.04 20.98 -24.16
C VAL E 51 -26.55 20.73 -24.09
N GLU E 52 -25.98 20.17 -25.16
CA GLU E 52 -24.56 19.88 -25.20
C GLU E 52 -23.80 21.17 -25.40
N VAL E 53 -22.60 21.24 -24.84
CA VAL E 53 -21.75 22.41 -24.95
C VAL E 53 -20.35 21.98 -25.41
N HIS E 54 -19.67 22.85 -26.14
CA HIS E 54 -18.36 22.49 -26.68
C HIS E 54 -17.21 23.38 -26.23
N ASN E 55 -17.39 24.11 -25.13
CA ASN E 55 -16.33 25.00 -24.67
C ASN E 55 -15.38 24.33 -23.68
N ALA E 56 -15.72 23.14 -23.22
CA ALA E 56 -14.86 22.42 -22.27
C ALA E 56 -13.44 22.25 -22.79
N LYS E 57 -12.50 21.98 -21.89
CA LYS E 57 -11.14 21.80 -22.31
C LYS E 57 -10.50 20.70 -21.49
N THR E 58 -9.83 19.76 -22.15
CA THR E 58 -9.20 18.68 -21.43
C THR E 58 -7.72 18.96 -21.27
N LYS E 59 -7.16 18.51 -20.16
CA LYS E 59 -5.75 18.72 -19.85
C LYS E 59 -4.93 17.51 -20.23
N PRO E 60 -3.61 17.67 -20.36
CA PRO E 60 -2.82 16.49 -20.73
C PRO E 60 -2.96 15.48 -19.60
N ARG E 61 -3.07 14.20 -19.97
CA ARG E 61 -3.19 13.12 -19.00
C ARG E 61 -2.01 13.17 -18.04
N GLU E 62 -2.19 12.61 -16.84
CA GLU E 62 -1.14 12.62 -15.83
C GLU E 62 -0.88 11.20 -15.37
N GLU E 63 0.39 10.83 -15.32
CA GLU E 63 0.75 9.49 -14.90
C GLU E 63 0.65 9.35 -13.38
N GLN E 64 -0.22 8.45 -12.92
CA GLN E 64 -0.39 8.22 -11.50
C GLN E 64 0.68 7.25 -10.97
N TYR E 65 1.05 7.41 -9.69
CA TYR E 65 2.07 6.55 -9.11
C TYR E 65 1.71 5.08 -9.17
N ASN E 66 0.43 4.75 -9.18
CA ASN E 66 0.02 3.35 -9.25
C ASN E 66 -0.32 2.90 -10.64
N SER E 67 0.54 3.25 -11.58
CA SER E 67 0.41 2.84 -12.97
C SER E 67 -0.91 3.07 -13.71
N THR E 68 -1.65 4.14 -13.37
CA THR E 68 -2.89 4.45 -14.08
C THR E 68 -2.88 5.91 -14.50
N TYR E 69 -3.86 6.30 -15.28
CA TYR E 69 -3.94 7.67 -15.74
C TYR E 69 -5.07 8.46 -15.08
N ARG E 70 -4.89 9.78 -15.05
CA ARG E 70 -5.86 10.72 -14.51
C ARG E 70 -6.11 11.72 -15.62
N VAL E 71 -7.36 11.84 -16.06
CA VAL E 71 -7.71 12.76 -17.14
C VAL E 71 -8.73 13.76 -16.60
N VAL E 72 -8.45 15.04 -16.81
CA VAL E 72 -9.33 16.09 -16.31
C VAL E 72 -9.86 17.01 -17.39
N SER E 73 -11.17 17.22 -17.36
CA SER E 73 -11.87 18.10 -18.28
C SER E 73 -12.45 19.31 -17.52
N VAL E 74 -12.15 20.52 -17.98
CA VAL E 74 -12.63 21.71 -17.30
C VAL E 74 -13.61 22.53 -18.13
N LEU E 75 -14.81 22.72 -17.57
CA LEU E 75 -15.84 23.48 -18.23
C LEU E 75 -16.14 24.80 -17.51
N THR E 76 -15.76 25.92 -18.10
CA THR E 76 -16.03 27.19 -17.45
C THR E 76 -17.54 27.36 -17.45
N VAL E 77 -18.07 28.10 -16.48
CA VAL E 77 -19.50 28.31 -16.39
C VAL E 77 -19.80 29.77 -16.15
N LEU E 78 -21.03 30.16 -16.43
CA LEU E 78 -21.42 31.54 -16.23
C LEU E 78 -21.87 31.70 -14.78
N HIS E 79 -21.37 32.73 -14.10
CA HIS E 79 -21.74 33.01 -12.71
C HIS E 79 -23.23 32.84 -12.48
N GLN E 80 -24.03 33.51 -13.29
CA GLN E 80 -25.48 33.43 -13.16
C GLN E 80 -26.06 32.03 -13.45
N ASP E 81 -25.49 31.34 -14.43
CA ASP E 81 -25.97 30.00 -14.78
C ASP E 81 -25.89 29.16 -13.55
N TRP E 82 -24.72 29.20 -12.92
CA TRP E 82 -24.48 28.41 -11.74
C TRP E 82 -25.33 28.75 -10.53
N LEU E 83 -25.43 30.04 -10.22
CA LEU E 83 -26.23 30.48 -9.10
C LEU E 83 -27.71 30.28 -9.30
N ASN E 84 -28.15 30.23 -10.56
CA ASN E 84 -29.56 30.02 -10.86
C ASN E 84 -29.96 28.55 -10.82
N GLY E 85 -28.99 27.70 -10.50
CA GLY E 85 -29.26 26.27 -10.39
C GLY E 85 -29.19 25.38 -11.61
N LYS E 86 -28.52 25.82 -12.67
CA LYS E 86 -28.42 24.99 -13.87
C LYS E 86 -27.63 23.71 -13.61
N GLU E 87 -28.12 22.58 -14.12
CA GLU E 87 -27.43 21.30 -13.91
C GLU E 87 -26.32 21.10 -14.92
N TYR E 88 -25.17 20.62 -14.46
CA TYR E 88 -24.04 20.38 -15.34
C TYR E 88 -23.76 18.88 -15.39
N LYS E 89 -23.91 18.30 -16.58
CA LYS E 89 -23.69 16.88 -16.79
C LYS E 89 -22.41 16.60 -17.55
N CYS E 90 -21.59 15.72 -16.99
CA CYS E 90 -20.34 15.29 -17.60
C CYS E 90 -20.50 13.84 -18.01
N LYS E 91 -20.27 13.56 -19.29
CA LYS E 91 -20.39 12.20 -19.83
C LYS E 91 -19.00 11.69 -20.23
N VAL E 92 -18.51 10.69 -19.50
CA VAL E 92 -17.20 10.09 -19.76
C VAL E 92 -17.26 8.77 -20.53
N SER E 93 -16.42 8.65 -21.55
CA SER E 93 -16.38 7.47 -22.39
C SER E 93 -14.96 6.91 -22.55
N ASN E 94 -14.84 5.59 -22.41
CA ASN E 94 -13.56 4.89 -22.55
C ASN E 94 -13.80 3.50 -23.11
N LYS E 95 -12.88 3.01 -23.95
CA LYS E 95 -13.01 1.67 -24.54
C LYS E 95 -13.25 0.59 -23.50
N ALA E 96 -12.62 0.73 -22.33
CA ALA E 96 -12.78 -0.22 -21.25
C ALA E 96 -14.11 -0.08 -20.53
N LEU E 97 -14.85 0.98 -20.83
CA LEU E 97 -16.14 1.19 -20.18
C LEU E 97 -17.28 0.55 -20.96
N PRO E 98 -18.00 -0.39 -20.33
CA PRO E 98 -19.12 -1.05 -21.01
C PRO E 98 -20.01 0.04 -21.59
N ALA E 99 -20.46 0.92 -20.70
CA ALA E 99 -21.31 2.06 -21.06
C ALA E 99 -20.66 3.29 -20.46
N PRO E 100 -20.73 4.43 -21.17
CA PRO E 100 -20.12 5.66 -20.67
C PRO E 100 -20.73 6.05 -19.33
N ILE E 101 -19.91 6.68 -18.48
CA ILE E 101 -20.38 7.12 -17.16
C ILE E 101 -20.82 8.57 -17.20
N GLU E 102 -21.94 8.86 -16.55
CA GLU E 102 -22.51 10.21 -16.47
C GLU E 102 -22.61 10.74 -15.04
N LYS E 103 -22.20 11.99 -14.86
CA LYS E 103 -22.24 12.62 -13.55
C LYS E 103 -22.79 14.05 -13.72
N THR E 104 -23.69 14.42 -12.82
CA THR E 104 -24.29 15.75 -12.86
C THR E 104 -24.19 16.47 -11.50
N ILE E 105 -24.06 17.79 -11.53
CA ILE E 105 -23.99 18.58 -10.31
C ILE E 105 -24.64 19.93 -10.53
N SER E 106 -25.01 20.57 -9.41
CA SER E 106 -25.63 21.89 -9.42
C SER E 106 -25.55 22.45 -8.02
N LYS E 107 -25.69 23.77 -7.89
CA LYS E 107 -25.66 24.39 -6.57
C LYS E 107 -26.79 23.83 -5.72
N ALA E 108 -26.57 23.68 -4.41
CA ALA E 108 -27.62 23.14 -3.56
C ALA E 108 -28.91 23.93 -3.62
N LYS E 109 -30.03 23.23 -3.50
CA LYS E 109 -31.36 23.85 -3.51
C LYS E 109 -31.79 24.12 -2.08
N GLY E 110 -32.56 23.59 -0.96
CA GLY E 110 -33.08 23.99 0.33
C GLY E 110 -33.13 25.51 0.46
N GLN E 111 -34.11 26.01 1.20
CA GLN E 111 -34.25 27.45 1.41
C GLN E 111 -32.93 28.15 1.76
N PRO E 112 -32.53 29.12 0.95
CA PRO E 112 -31.27 29.78 1.29
C PRO E 112 -31.54 30.52 2.61
N ARG E 113 -30.54 30.61 3.48
CA ARG E 113 -30.73 31.31 4.75
C ARG E 113 -29.55 32.26 4.89
N GLU E 114 -29.84 33.55 5.10
CA GLU E 114 -28.79 34.54 5.24
C GLU E 114 -28.08 34.46 6.57
N PRO E 115 -26.74 34.52 6.53
CA PRO E 115 -25.86 34.47 7.70
C PRO E 115 -25.80 35.73 8.55
N GLN E 116 -25.59 35.51 9.84
CA GLN E 116 -25.42 36.58 10.80
C GLN E 116 -23.92 36.59 11.03
N VAL E 117 -23.35 37.78 11.09
CA VAL E 117 -21.92 37.94 11.30
C VAL E 117 -21.71 38.70 12.59
N TYR E 118 -20.92 38.12 13.48
CA TYR E 118 -20.61 38.75 14.76
C TYR E 118 -19.11 38.72 15.05
N THR E 119 -18.51 39.87 15.30
CA THR E 119 -17.09 39.91 15.65
C THR E 119 -16.93 39.91 17.18
N LEU E 120 -15.98 39.16 17.70
CA LEU E 120 -15.75 39.06 19.13
C LEU E 120 -14.30 39.42 19.43
N PRO E 121 -14.05 40.33 20.38
CA PRO E 121 -12.67 40.71 20.71
C PRO E 121 -12.01 39.62 21.53
N PRO E 122 -10.69 39.76 21.77
CA PRO E 122 -9.88 38.82 22.53
C PRO E 122 -10.41 38.65 23.94
N SER E 123 -10.25 37.47 24.51
CA SER E 123 -10.68 37.26 25.87
C SER E 123 -9.66 38.04 26.73
N ARG E 124 -10.12 38.66 27.82
CA ARG E 124 -9.24 39.44 28.69
C ARG E 124 -8.00 38.66 29.12
N ASP E 125 -8.17 37.36 29.38
CA ASP E 125 -7.08 36.50 29.77
C ASP E 125 -6.03 36.37 28.70
N GLU E 126 -6.45 36.34 27.44
CA GLU E 126 -5.49 36.18 26.36
C GLU E 126 -4.63 37.41 26.19
N LEU E 127 -5.12 38.54 26.67
CA LEU E 127 -4.40 39.81 26.56
C LEU E 127 -3.06 39.82 27.27
N THR E 128 -2.71 38.74 27.95
CA THR E 128 -1.44 38.69 28.65
C THR E 128 -0.36 38.18 27.70
N LYS E 129 -0.81 37.53 26.62
CA LYS E 129 0.09 36.97 25.63
C LYS E 129 0.55 38.00 24.60
N ASN E 130 1.53 37.63 23.77
CA ASN E 130 2.06 38.54 22.76
C ASN E 130 1.19 38.63 21.52
N GLN E 131 0.45 37.56 21.26
CA GLN E 131 -0.45 37.51 20.13
C GLN E 131 -1.84 37.23 20.67
N VAL E 132 -2.83 37.95 20.16
CA VAL E 132 -4.21 37.76 20.59
C VAL E 132 -5.06 37.22 19.44
N SER E 133 -6.25 36.76 19.76
CA SER E 133 -7.17 36.21 18.76
C SER E 133 -8.42 37.04 18.50
N LEU E 134 -8.59 37.52 17.27
CA LEU E 134 -9.80 38.25 16.90
C LEU E 134 -10.75 37.17 16.34
N THR E 135 -12.01 37.18 16.77
CA THR E 135 -12.95 36.16 16.34
C THR E 135 -14.16 36.61 15.56
N CYS E 136 -14.48 35.86 14.50
CA CYS E 136 -15.65 36.18 13.69
C CYS E 136 -16.62 35.02 13.73
N LEU E 137 -17.76 35.21 14.37
CA LEU E 137 -18.75 34.15 14.40
C LEU E 137 -19.68 34.37 13.23
N VAL E 138 -19.94 33.33 12.44
CA VAL E 138 -20.86 33.44 11.30
C VAL E 138 -21.87 32.32 11.47
N LYS E 139 -23.16 32.68 11.59
CA LYS E 139 -24.14 31.62 11.78
C LYS E 139 -25.47 31.82 11.11
N GLY E 140 -26.28 30.76 11.10
CA GLY E 140 -27.59 30.80 10.48
C GLY E 140 -27.68 30.72 8.97
N PHE E 141 -26.58 30.36 8.30
CA PHE E 141 -26.58 30.27 6.84
C PHE E 141 -26.80 28.90 6.17
N TYR E 142 -27.27 28.97 4.93
CA TYR E 142 -27.52 27.81 4.08
C TYR E 142 -27.61 28.32 2.64
N PRO E 143 -26.98 27.62 1.70
CA PRO E 143 -26.18 26.40 1.86
C PRO E 143 -24.97 26.66 2.72
N SER E 144 -24.12 25.65 2.86
CA SER E 144 -22.92 25.77 3.67
C SER E 144 -21.80 26.43 2.90
N ASP E 145 -21.99 26.64 1.59
CA ASP E 145 -20.97 27.27 0.78
C ASP E 145 -20.84 28.71 1.24
N ILE E 146 -19.63 29.14 1.56
CA ILE E 146 -19.45 30.50 2.08
C ILE E 146 -17.97 30.83 2.00
N ALA E 147 -17.63 32.11 2.06
CA ALA E 147 -16.24 32.49 2.03
C ALA E 147 -16.05 33.59 3.09
N VAL E 148 -15.06 33.43 3.97
CA VAL E 148 -14.81 34.38 5.06
C VAL E 148 -13.39 34.94 4.96
N GLU E 149 -13.22 36.25 5.09
CA GLU E 149 -11.90 36.84 5.01
C GLU E 149 -11.74 37.93 6.04
N TRP E 150 -10.51 38.34 6.29
CA TRP E 150 -10.23 39.41 7.23
C TRP E 150 -9.41 40.43 6.49
N GLU E 151 -9.64 41.71 6.75
CA GLU E 151 -8.89 42.76 6.11
C GLU E 151 -8.75 43.94 7.07
N SER E 152 -7.96 44.92 6.66
CA SER E 152 -7.74 46.10 7.47
C SER E 152 -7.04 47.17 6.65
N ASN E 153 -7.53 48.40 6.76
CA ASN E 153 -6.95 49.52 6.03
C ASN E 153 -7.04 49.23 4.55
N GLY E 154 -8.11 48.51 4.19
CA GLY E 154 -8.37 48.14 2.81
C GLY E 154 -7.48 47.05 2.26
N GLN E 155 -6.66 46.46 3.12
CA GLN E 155 -5.74 45.42 2.71
C GLN E 155 -6.04 44.08 3.35
N PRO E 156 -5.80 42.98 2.62
CA PRO E 156 -6.05 41.63 3.13
C PRO E 156 -5.05 41.17 4.19
N GLU E 157 -5.56 40.72 5.32
CA GLU E 157 -4.72 40.19 6.39
C GLU E 157 -4.15 38.84 5.93
N ASN E 158 -3.22 38.28 6.70
CA ASN E 158 -2.60 37.02 6.35
C ASN E 158 -2.86 35.88 7.29
N ASN E 159 -2.65 36.17 8.56
CA ASN E 159 -2.72 35.15 9.58
C ASN E 159 -4.03 34.71 10.17
N TYR E 160 -4.84 33.99 9.41
CA TYR E 160 -6.11 33.50 9.99
C TYR E 160 -6.53 32.14 9.47
N LYS E 161 -7.29 31.39 10.27
CA LYS E 161 -7.79 30.07 9.88
C LYS E 161 -9.29 30.09 10.16
N THR E 162 -10.08 29.44 9.32
CA THR E 162 -11.52 29.44 9.54
C THR E 162 -11.92 28.02 9.71
N THR E 163 -12.78 27.72 10.67
CA THR E 163 -13.19 26.34 10.84
C THR E 163 -14.10 26.02 9.68
N PRO E 164 -14.38 24.73 9.46
CA PRO E 164 -15.27 24.37 8.35
C PRO E 164 -16.70 24.66 8.78
N PRO E 165 -17.64 24.66 7.83
CA PRO E 165 -19.02 24.93 8.24
C PRO E 165 -19.43 23.80 9.18
N VAL E 166 -20.32 24.09 10.13
CA VAL E 166 -20.79 23.09 11.10
C VAL E 166 -22.29 23.19 11.22
N LEU E 167 -22.94 22.03 11.19
CA LEU E 167 -24.39 21.95 11.26
C LEU E 167 -24.96 22.31 12.62
N ASP E 168 -25.84 23.31 12.65
CA ASP E 168 -26.44 23.76 13.90
C ASP E 168 -27.78 23.08 14.14
N SER E 169 -28.31 23.26 15.34
CA SER E 169 -29.57 22.65 15.74
C SER E 169 -30.80 22.85 14.85
N ASP E 170 -30.84 23.95 14.11
CA ASP E 170 -32.00 24.25 13.29
C ASP E 170 -31.81 23.93 11.82
N GLY E 171 -30.70 23.26 11.50
CA GLY E 171 -30.43 22.89 10.12
C GLY E 171 -29.52 23.80 9.34
N SER E 172 -29.21 24.98 9.86
CA SER E 172 -28.31 25.86 9.15
C SER E 172 -26.90 25.59 9.66
N PHE E 173 -25.93 26.29 9.10
CA PHE E 173 -24.54 26.13 9.53
C PHE E 173 -23.96 27.38 10.22
N PHE E 174 -22.89 27.16 10.96
CA PHE E 174 -22.15 28.26 11.60
C PHE E 174 -20.69 27.89 11.49
N LEU E 175 -19.83 28.87 11.70
CA LEU E 175 -18.42 28.60 11.68
C LEU E 175 -17.77 29.75 12.38
N TYR E 176 -16.51 29.59 12.74
CA TYR E 176 -15.78 30.66 13.39
C TYR E 176 -14.53 30.84 12.58
N SER E 177 -14.05 32.06 12.49
CA SER E 177 -12.80 32.34 11.80
C SER E 177 -11.95 32.99 12.88
N LYS E 178 -10.67 32.66 12.94
CA LYS E 178 -9.80 33.25 13.96
C LYS E 178 -8.62 33.98 13.32
N LEU E 179 -8.52 35.26 13.62
CA LEU E 179 -7.44 36.10 13.09
C LEU E 179 -6.45 36.26 14.21
N THR E 180 -5.17 36.14 13.91
CA THR E 180 -4.15 36.31 14.93
C THR E 180 -3.29 37.51 14.62
N VAL E 181 -3.11 38.35 15.62
CA VAL E 181 -2.32 39.56 15.44
C VAL E 181 -1.50 39.90 16.68
N ASP E 182 -0.44 40.66 16.50
CA ASP E 182 0.35 41.05 17.67
C ASP E 182 -0.50 41.90 18.62
N LYS E 183 -0.40 41.61 19.91
CA LYS E 183 -1.15 42.39 20.90
C LYS E 183 -0.96 43.89 20.62
N SER E 184 0.19 44.22 20.03
CA SER E 184 0.53 45.60 19.67
C SER E 184 -0.55 46.22 18.82
N ARG E 185 -0.76 45.65 17.64
CA ARG E 185 -1.77 46.17 16.71
C ARG E 185 -3.14 46.29 17.33
N TRP E 186 -3.52 45.33 18.18
CA TRP E 186 -4.81 45.42 18.82
C TRP E 186 -4.83 46.68 19.71
N GLN E 187 -3.86 46.75 20.61
CA GLN E 187 -3.70 47.87 21.55
C GLN E 187 -3.68 49.22 20.86
N GLN E 188 -3.02 49.30 19.72
CA GLN E 188 -2.95 50.56 18.96
C GLN E 188 -4.32 51.06 18.41
N GLY E 189 -5.39 50.29 18.60
CA GLY E 189 -6.70 50.70 18.11
C GLY E 189 -7.03 50.50 16.63
N ASN E 190 -6.21 49.70 15.95
CA ASN E 190 -6.41 49.41 14.55
C ASN E 190 -7.74 48.70 14.31
N VAL E 191 -8.40 49.04 13.21
CA VAL E 191 -9.69 48.42 12.89
C VAL E 191 -9.57 47.25 11.93
N PHE E 192 -10.22 46.14 12.28
CA PHE E 192 -10.19 44.94 11.46
C PHE E 192 -11.59 44.63 10.99
N SER E 193 -11.72 43.96 9.86
CA SER E 193 -13.05 43.61 9.40
C SER E 193 -13.12 42.18 8.99
N CYS E 194 -14.27 41.60 9.24
CA CYS E 194 -14.55 40.22 8.90
C CYS E 194 -15.44 40.30 7.67
N SER E 195 -14.95 39.82 6.53
CA SER E 195 -15.74 39.84 5.31
C SER E 195 -16.43 38.49 5.08
N VAL E 196 -17.68 38.54 4.66
CA VAL E 196 -18.38 37.30 4.37
C VAL E 196 -19.09 37.42 3.01
N MET E 197 -18.98 36.36 2.20
CA MET E 197 -19.61 36.24 0.87
C MET E 197 -20.45 34.98 0.89
N HIS E 198 -21.75 35.17 0.72
CA HIS E 198 -22.71 34.07 0.70
C HIS E 198 -23.82 34.52 -0.25
N GLU E 199 -24.40 33.56 -0.98
CA GLU E 199 -25.47 33.85 -1.93
C GLU E 199 -26.68 34.52 -1.28
N ALA E 200 -27.06 34.06 -0.10
CA ALA E 200 -28.24 34.60 0.57
C ALA E 200 -28.08 36.00 1.19
N LEU E 201 -26.89 36.59 1.12
CA LEU E 201 -26.69 37.93 1.69
C LEU E 201 -27.16 38.95 0.69
N HIS E 202 -27.61 40.10 1.17
CA HIS E 202 -28.05 41.15 0.27
C HIS E 202 -26.78 41.54 -0.50
N ASN E 203 -26.80 41.42 -1.83
CA ASN E 203 -25.65 41.75 -2.65
C ASN E 203 -24.51 40.78 -2.43
N HIS E 204 -24.83 39.65 -1.80
CA HIS E 204 -23.85 38.59 -1.57
C HIS E 204 -22.61 38.95 -0.73
N TYR E 205 -22.63 40.11 -0.09
CA TYR E 205 -21.46 40.52 0.67
C TYR E 205 -21.85 41.34 1.87
N THR E 206 -21.17 41.10 3.00
CA THR E 206 -21.39 41.88 4.20
C THR E 206 -20.09 41.92 5.04
N GLN E 207 -19.94 42.93 5.87
CA GLN E 207 -18.74 43.06 6.71
C GLN E 207 -19.13 43.47 8.09
N LYS E 208 -18.25 43.17 9.03
CA LYS E 208 -18.45 43.56 10.41
C LYS E 208 -17.08 43.98 10.95
N SER E 209 -16.97 45.21 11.45
CA SER E 209 -15.72 45.71 12.00
C SER E 209 -15.47 45.23 13.42
N LEU E 210 -14.23 45.40 13.87
CA LEU E 210 -13.77 44.99 15.19
C LEU E 210 -12.54 45.79 15.56
N SER E 211 -12.53 46.36 16.76
CA SER E 211 -11.40 47.17 17.26
C SER E 211 -11.49 47.37 18.77
N LEU E 212 -10.41 47.90 19.35
CA LEU E 212 -10.33 48.14 20.77
C LEU E 212 -11.23 49.26 21.25
N SER E 213 -11.42 49.33 22.58
CA SER E 213 -12.25 50.35 23.21
C SER E 213 -13.73 50.05 23.07
#